data_5V9Z
# 
_entry.id   5V9Z 
# 
_audit_conform.dict_name       mmcif_pdbx.dic 
_audit_conform.dict_version    5.379 
_audit_conform.dict_location   http://mmcif.pdb.org/dictionaries/ascii/mmcif_pdbx.dic 
# 
loop_
_database_2.database_id 
_database_2.database_code 
_database_2.pdbx_database_accession 
_database_2.pdbx_DOI 
PDB   5V9Z         pdb_00005v9z 10.2210/pdb5v9z/pdb 
WWPDB D_1000227104 ?            ?                   
# 
_pdbx_database_status.status_code                     REL 
_pdbx_database_status.status_code_sf                  REL 
_pdbx_database_status.status_code_mr                  ? 
_pdbx_database_status.entry_id                        5V9Z 
_pdbx_database_status.recvd_initial_deposition_date   2017-03-24 
_pdbx_database_status.SG_entry                        N 
_pdbx_database_status.deposit_site                    RCSB 
_pdbx_database_status.process_site                    RCSB 
_pdbx_database_status.status_code_cs                  ? 
_pdbx_database_status.methods_development_category    ? 
_pdbx_database_status.pdb_format_compatible           Y 
_pdbx_database_status.status_code_nmr_data            ? 
# 
loop_
_audit_author.name 
_audit_author.pdbx_ordinal 
_audit_author.identifier_ORCID 
'Zhang, W.'     1 ? 
'Szostak, J.W.' 2 ? 
# 
_citation.abstract                  ? 
_citation.abstract_id_CAS           ? 
_citation.book_id_ISBN              ? 
_citation.book_publisher            ? 
_citation.book_publisher_city       ? 
_citation.book_title                ? 
_citation.coordinate_linkage        ? 
_citation.country                   US 
_citation.database_id_Medline       ? 
_citation.details                   ? 
_citation.id                        primary 
_citation.journal_abbrev            'J. Am. Chem. Soc.' 
_citation.journal_id_ASTM           JACSAT 
_citation.journal_id_CSD            ? 
_citation.journal_id_ISSN           1520-5126 
_citation.journal_full              ? 
_citation.journal_issue             ? 
_citation.journal_volume            140 
_citation.language                  ? 
_citation.page_first                2829 
_citation.page_last                 2840 
_citation.title                     
'Structural Rationale for the Enhanced Catalysis of Nonenzymatic RNA Primer Extension by a Downstream Oligonucleotide.' 
_citation.year                      2018 
_citation.database_id_CSD           ? 
_citation.pdbx_database_id_DOI      10.1021/jacs.7b11750 
_citation.pdbx_database_id_PubMed   29411978 
_citation.unpublished_flag          ? 
# 
loop_
_citation_author.citation_id 
_citation_author.name 
_citation_author.ordinal 
_citation_author.identifier_ORCID 
primary 'Zhang, W.'     1 ? 
primary 'Tam, C.P.'     2 ? 
primary 'Zhou, L.'      3 ? 
primary 'Oh, S.S.'      4 ? 
primary 'Wang, J.'      5 ? 
primary 'Szostak, J.W.' 6 ? 
# 
_cell.entry_id           5V9Z 
_cell.length_a           45.275 
_cell.length_b           45.275 
_cell.length_c           154.573 
_cell.angle_alpha        90.00 
_cell.angle_beta         90.00 
_cell.angle_gamma        90.00 
_cell.Z_PDB              8 
_cell.pdbx_unique_axis   ? 
# 
_symmetry.entry_id                         5V9Z 
_symmetry.space_group_name_H-M             'P 43 21 2' 
_symmetry.pdbx_full_space_group_name_H-M   ? 
_symmetry.cell_setting                     ? 
_symmetry.Int_Tables_number                96 
# 
loop_
_entity.id 
_entity.type 
_entity.src_method 
_entity.pdbx_description 
_entity.formula_weight 
_entity.pdbx_number_of_molecules 
_entity.pdbx_ec 
_entity.pdbx_mutation 
_entity.pdbx_fragment 
_entity.details 
1 polymer     syn 'RNA (25-MER)'                                                     8159.974 1  ? ? ? ? 
2 polymer     syn 
;RNA (5'-R(P*GP*CP*AP*CP*CP*UP*CP*A)-3')
;
2485.553 1  ? ? ? ? 
3 non-polymer syn "5'-O-[(S)-hydroxy(4-methyl-1H-imidazol-5-yl)phosphoryl]guanosine" 427.309  1  ? ? ? ? 
4 water       nat water                                                              18.015   12 ? ? ? ? 
# 
loop_
_entity_poly.entity_id 
_entity_poly.type 
_entity_poly.nstd_linkage 
_entity_poly.nstd_monomer 
_entity_poly.pdbx_seq_one_letter_code 
_entity_poly.pdbx_seq_one_letter_code_can 
_entity_poly.pdbx_strand_id 
_entity_poly.pdbx_target_identifier 
1 polyribonucleotide no yes 'UGAGGUG(LCC)(LCC)GAGCGCGAAAGCGCUC' UGAGGUGNNGAGCGCGAAAGCGCUC A ? 
2 polyribonucleotide no no  GCACCUCA                            GCACCUCA                  B ? 
# 
loop_
_entity_poly_seq.entity_id 
_entity_poly_seq.num 
_entity_poly_seq.mon_id 
_entity_poly_seq.hetero 
1 1  U   n 
1 2  G   n 
1 3  A   n 
1 4  G   n 
1 5  G   n 
1 6  U   n 
1 7  G   n 
1 8  LCC n 
1 9  LCC n 
1 10 G   n 
1 11 A   n 
1 12 G   n 
1 13 C   n 
1 14 G   n 
1 15 C   n 
1 16 G   n 
1 17 A   n 
1 18 A   n 
1 19 A   n 
1 20 G   n 
1 21 C   n 
1 22 G   n 
1 23 C   n 
1 24 U   n 
1 25 C   n 
2 1  G   n 
2 2  C   n 
2 3  A   n 
2 4  C   n 
2 5  C   n 
2 6  U   n 
2 7  C   n 
2 8  A   n 
# 
loop_
_pdbx_entity_src_syn.entity_id 
_pdbx_entity_src_syn.pdbx_src_id 
_pdbx_entity_src_syn.pdbx_alt_source_flag 
_pdbx_entity_src_syn.pdbx_beg_seq_num 
_pdbx_entity_src_syn.pdbx_end_seq_num 
_pdbx_entity_src_syn.organism_scientific 
_pdbx_entity_src_syn.organism_common_name 
_pdbx_entity_src_syn.ncbi_taxonomy_id 
_pdbx_entity_src_syn.details 
1 1 sample 1 25 'synthetic construct' ? 32630 ? 
2 1 sample 1 8  'synthetic construct' ? 32630 ? 
# 
loop_
_struct_ref.id 
_struct_ref.db_name 
_struct_ref.db_code 
_struct_ref.pdbx_db_accession 
_struct_ref.pdbx_db_isoform 
_struct_ref.entity_id 
_struct_ref.pdbx_seq_one_letter_code 
_struct_ref.pdbx_align_begin 
1 PDB 5V9Z 5V9Z ? 1 ? 1 
2 PDB 5V9Z 5V9Z ? 2 ? 1 
# 
loop_
_struct_ref_seq.align_id 
_struct_ref_seq.ref_id 
_struct_ref_seq.pdbx_PDB_id_code 
_struct_ref_seq.pdbx_strand_id 
_struct_ref_seq.seq_align_beg 
_struct_ref_seq.pdbx_seq_align_beg_ins_code 
_struct_ref_seq.seq_align_end 
_struct_ref_seq.pdbx_seq_align_end_ins_code 
_struct_ref_seq.pdbx_db_accession 
_struct_ref_seq.db_align_beg 
_struct_ref_seq.pdbx_db_align_beg_ins_code 
_struct_ref_seq.db_align_end 
_struct_ref_seq.pdbx_db_align_end_ins_code 
_struct_ref_seq.pdbx_auth_seq_align_beg 
_struct_ref_seq.pdbx_auth_seq_align_end 
1 1 5V9Z A 1 ? 25 ? 5V9Z 1 ? 25 ? 1 25 
2 2 5V9Z B 1 ? 8  ? 5V9Z 1 ? 8  ? 1 8  
# 
loop_
_chem_comp.id 
_chem_comp.type 
_chem_comp.mon_nstd_flag 
_chem_comp.name 
_chem_comp.pdbx_synonyms 
_chem_comp.formula 
_chem_comp.formula_weight 
8OS 'RNA linking' n "5'-O-[(S)-hydroxy(4-methyl-1H-imidazol-5-yl)phosphoryl]guanosine" ? 'C14 H18 N7 O7 P' 427.309 
A   'RNA linking' y "ADENOSINE-5'-MONOPHOSPHATE" ? 'C10 H14 N5 O7 P' 347.221 
C   'RNA linking' y "CYTIDINE-5'-MONOPHOSPHATE" ? 'C9 H14 N3 O8 P'  323.197 
G   'RNA linking' y "GUANOSINE-5'-MONOPHOSPHATE" ? 'C10 H14 N5 O8 P' 363.221 
HOH non-polymer   . WATER ? 'H2 O'            18.015  
LCC 'RNA linking' . 
'[(1R,3R,4R,7S)-7-HYDROXY-3-(5-METHYLCYTOSIN-1-YL)-2,5-DIOXABICYCLO[2.2.1]HEPT-1-YL]METHYL DIHYDROGEN PHOSPHATE' ? 
'C11 H16 N3 O8 P' 349.234 
U   'RNA linking' y "URIDINE-5'-MONOPHOSPHATE" ? 'C9 H13 N2 O9 P'  324.181 
# 
_exptl.absorpt_coefficient_mu     ? 
_exptl.absorpt_correction_T_max   ? 
_exptl.absorpt_correction_T_min   ? 
_exptl.absorpt_correction_type    ? 
_exptl.absorpt_process_details    ? 
_exptl.entry_id                   5V9Z 
_exptl.crystals_number            1 
_exptl.details                    ? 
_exptl.method                     'X-RAY DIFFRACTION' 
_exptl.method_details             ? 
# 
_exptl_crystal.colour                      ? 
_exptl_crystal.density_diffrn              ? 
_exptl_crystal.density_Matthews            3.64 
_exptl_crystal.density_method              ? 
_exptl_crystal.density_percent_sol         66.2 
_exptl_crystal.description                 ? 
_exptl_crystal.F_000                       ? 
_exptl_crystal.id                          1 
_exptl_crystal.preparation                 ? 
_exptl_crystal.size_max                    ? 
_exptl_crystal.size_mid                    ? 
_exptl_crystal.size_min                    ? 
_exptl_crystal.size_rad                    ? 
_exptl_crystal.colour_lustre               ? 
_exptl_crystal.colour_modifier             ? 
_exptl_crystal.colour_primary              ? 
_exptl_crystal.density_meas                ? 
_exptl_crystal.density_meas_esd            ? 
_exptl_crystal.density_meas_gt             ? 
_exptl_crystal.density_meas_lt             ? 
_exptl_crystal.density_meas_temp           ? 
_exptl_crystal.density_meas_temp_esd       ? 
_exptl_crystal.density_meas_temp_gt        ? 
_exptl_crystal.density_meas_temp_lt        ? 
_exptl_crystal.pdbx_crystal_image_url      ? 
_exptl_crystal.pdbx_crystal_image_format   ? 
_exptl_crystal.pdbx_mosaicity              ? 
_exptl_crystal.pdbx_mosaicity_esd          ? 
# 
_exptl_crystal_grow.apparatus       ? 
_exptl_crystal_grow.atmosphere      ? 
_exptl_crystal_grow.crystal_id      1 
_exptl_crystal_grow.details         ? 
_exptl_crystal_grow.method          'VAPOR DIFFUSION, SITTING DROP' 
_exptl_crystal_grow.method_ref      ? 
_exptl_crystal_grow.pH              7.5 
_exptl_crystal_grow.pressure        ? 
_exptl_crystal_grow.pressure_esd    ? 
_exptl_crystal_grow.seeding         ? 
_exptl_crystal_grow.seeding_ref     ? 
_exptl_crystal_grow.temp            291 
_exptl_crystal_grow.temp_details    ? 
_exptl_crystal_grow.temp_esd        ? 
_exptl_crystal_grow.time            ? 
_exptl_crystal_grow.pdbx_details    '50 mM MgCl2, 3 M ammonia sulfate, 100 mM HEPES 7.5' 
_exptl_crystal_grow.pdbx_pH_range   ? 
# 
_diffrn.ambient_environment    ? 
_diffrn.ambient_temp           99 
_diffrn.ambient_temp_details   ? 
_diffrn.ambient_temp_esd       ? 
_diffrn.crystal_id             1 
_diffrn.crystal_support        ? 
_diffrn.crystal_treatment      ? 
_diffrn.details                ? 
_diffrn.id                     1 
_diffrn.ambient_pressure       ? 
_diffrn.ambient_pressure_esd   ? 
_diffrn.ambient_pressure_gt    ? 
_diffrn.ambient_pressure_lt    ? 
_diffrn.ambient_temp_gt        ? 
_diffrn.ambient_temp_lt        ? 
# 
_diffrn_detector.details                      ? 
_diffrn_detector.detector                     CCD 
_diffrn_detector.diffrn_id                    1 
_diffrn_detector.type                         'ADSC QUANTUM 315' 
_diffrn_detector.area_resol_mean              ? 
_diffrn_detector.dtime                        ? 
_diffrn_detector.pdbx_frames_total            ? 
_diffrn_detector.pdbx_collection_time_total   ? 
_diffrn_detector.pdbx_collection_date         2016-01-26 
# 
_diffrn_radiation.collimation                      ? 
_diffrn_radiation.diffrn_id                        1 
_diffrn_radiation.filter_edge                      ? 
_diffrn_radiation.inhomogeneity                    ? 
_diffrn_radiation.monochromator                    ? 
_diffrn_radiation.polarisn_norm                    ? 
_diffrn_radiation.polarisn_ratio                   ? 
_diffrn_radiation.probe                            ? 
_diffrn_radiation.type                             ? 
_diffrn_radiation.xray_symbol                      ? 
_diffrn_radiation.wavelength_id                    1 
_diffrn_radiation.pdbx_monochromatic_or_laue_m_l   M 
_diffrn_radiation.pdbx_wavelength_list             ? 
_diffrn_radiation.pdbx_wavelength                  ? 
_diffrn_radiation.pdbx_diffrn_protocol             'SINGLE WAVELENGTH' 
_diffrn_radiation.pdbx_analyzer                    ? 
_diffrn_radiation.pdbx_scattering_type             x-ray 
# 
_diffrn_radiation_wavelength.id           1 
_diffrn_radiation_wavelength.wavelength   1 
_diffrn_radiation_wavelength.wt           1.0 
# 
_diffrn_source.current                     ? 
_diffrn_source.details                     ? 
_diffrn_source.diffrn_id                   1 
_diffrn_source.power                       ? 
_diffrn_source.size                        ? 
_diffrn_source.source                      SYNCHROTRON 
_diffrn_source.target                      ? 
_diffrn_source.type                        'ALS BEAMLINE 8.2.2' 
_diffrn_source.voltage                     ? 
_diffrn_source.take-off_angle              ? 
_diffrn_source.pdbx_wavelength_list        1 
_diffrn_source.pdbx_wavelength             ? 
_diffrn_source.pdbx_synchrotron_beamline   8.2.2 
_diffrn_source.pdbx_synchrotron_site       ALS 
# 
_reflns.B_iso_Wilson_estimate            ? 
_reflns.entry_id                         5V9Z 
_reflns.data_reduction_details           ? 
_reflns.data_reduction_method            ? 
_reflns.d_resolution_high                2.5 
_reflns.d_resolution_low                 50 
_reflns.details                          ? 
_reflns.limit_h_max                      ? 
_reflns.limit_h_min                      ? 
_reflns.limit_k_max                      ? 
_reflns.limit_k_min                      ? 
_reflns.limit_l_max                      ? 
_reflns.limit_l_min                      ? 
_reflns.number_all                       ? 
_reflns.number_obs                       5769 
_reflns.observed_criterion               ? 
_reflns.observed_criterion_F_max         ? 
_reflns.observed_criterion_F_min         ? 
_reflns.observed_criterion_I_max         ? 
_reflns.observed_criterion_I_min         ? 
_reflns.observed_criterion_sigma_F       ? 
_reflns.observed_criterion_sigma_I       ? 
_reflns.percent_possible_obs             95.4 
_reflns.R_free_details                   ? 
_reflns.Rmerge_F_all                     ? 
_reflns.Rmerge_F_obs                     ? 
_reflns.Friedel_coverage                 ? 
_reflns.number_gt                        ? 
_reflns.threshold_expression             ? 
_reflns.pdbx_redundancy                  10.6 
_reflns.pdbx_Rmerge_I_obs                0.1 
_reflns.pdbx_Rmerge_I_all                ? 
_reflns.pdbx_Rsym_value                  0.089 
_reflns.pdbx_netI_over_av_sigmaI         ? 
_reflns.pdbx_netI_over_sigmaI            16.3 
_reflns.pdbx_res_netI_over_av_sigmaI_2   ? 
_reflns.pdbx_res_netI_over_sigmaI_2      ? 
_reflns.pdbx_chi_squared                 1.226 
_reflns.pdbx_scaling_rejects             ? 
_reflns.pdbx_d_res_high_opt              ? 
_reflns.pdbx_d_res_low_opt               ? 
_reflns.pdbx_d_res_opt_method            ? 
_reflns.phase_calculation_details        ? 
_reflns.pdbx_Rrim_I_all                  ? 
_reflns.pdbx_Rpim_I_all                  ? 
_reflns.pdbx_d_opt                       ? 
_reflns.pdbx_number_measured_all         ? 
_reflns.pdbx_diffrn_id                   1 
_reflns.pdbx_ordinal                     1 
_reflns.pdbx_CC_half                     0.976 
_reflns.pdbx_R_split                     ? 
# 
_reflns_shell.d_res_high                  2.5 
_reflns_shell.d_res_low                   2.59 
_reflns_shell.meanI_over_sigI_all         ? 
_reflns_shell.meanI_over_sigI_obs         1.7 
_reflns_shell.number_measured_all         ? 
_reflns_shell.number_measured_obs         ? 
_reflns_shell.number_possible             ? 
_reflns_shell.number_unique_all           ? 
_reflns_shell.number_unique_obs           418 
_reflns_shell.percent_possible_all        73.1 
_reflns_shell.percent_possible_obs        ? 
_reflns_shell.Rmerge_F_all                ? 
_reflns_shell.Rmerge_F_obs                ? 
_reflns_shell.Rmerge_I_all                ? 
_reflns_shell.Rmerge_I_obs                0.710 
_reflns_shell.meanI_over_sigI_gt          ? 
_reflns_shell.meanI_over_uI_all           ? 
_reflns_shell.meanI_over_uI_gt            ? 
_reflns_shell.number_measured_gt          ? 
_reflns_shell.number_unique_gt            ? 
_reflns_shell.percent_possible_gt         ? 
_reflns_shell.Rmerge_F_gt                 ? 
_reflns_shell.Rmerge_I_gt                 ? 
_reflns_shell.pdbx_redundancy             7.2 
_reflns_shell.pdbx_Rsym_value             0.486 
_reflns_shell.pdbx_chi_squared            0.678 
_reflns_shell.pdbx_netI_over_sigmaI_all   ? 
_reflns_shell.pdbx_netI_over_sigmaI_obs   ? 
_reflns_shell.pdbx_Rrim_I_all             ? 
_reflns_shell.pdbx_Rpim_I_all             ? 
_reflns_shell.pdbx_rejects                ? 
_reflns_shell.pdbx_ordinal                1 
_reflns_shell.pdbx_diffrn_id              1 
_reflns_shell.pdbx_CC_half                0.912 
_reflns_shell.pdbx_R_split                ? 
# 
_refine.pdbx_refine_id                           'X-RAY DIFFRACTION' 
_refine.entry_id                                 5V9Z 
_refine.pdbx_diffrn_id                           1 
_refine.pdbx_TLS_residual_ADP_flag               ? 
_refine.ls_number_reflns_obs                     5466 
_refine.ls_number_reflns_all                     ? 
_refine.pdbx_ls_sigma_I                          ? 
_refine.pdbx_ls_sigma_F                          ? 
_refine.pdbx_data_cutoff_high_absF               ? 
_refine.pdbx_data_cutoff_low_absF                ? 
_refine.pdbx_data_cutoff_high_rms_absF           ? 
_refine.ls_d_res_low                             43.45 
_refine.ls_d_res_high                            2.51 
_refine.ls_percent_reflns_obs                    95.51 
_refine.ls_R_factor_obs                          0.22161 
_refine.ls_R_factor_all                          ? 
_refine.ls_R_factor_R_work                       0.21812 
_refine.ls_R_factor_R_free                       0.28106 
_refine.ls_R_factor_R_free_error                 ? 
_refine.ls_R_factor_R_free_error_details         ? 
_refine.ls_percent_reflns_R_free                 5.2 
_refine.ls_number_reflns_R_free                  302 
_refine.ls_number_parameters                     ? 
_refine.ls_number_restraints                     ? 
_refine.occupancy_min                            ? 
_refine.occupancy_max                            ? 
_refine.correlation_coeff_Fo_to_Fc               0.945 
_refine.correlation_coeff_Fo_to_Fc_free          0.921 
_refine.B_iso_mean                               73.171 
_refine.aniso_B[1][1]                            0.03 
_refine.aniso_B[2][2]                            0.03 
_refine.aniso_B[3][3]                            -0.07 
_refine.aniso_B[1][2]                            0.00 
_refine.aniso_B[1][3]                            0.00 
_refine.aniso_B[2][3]                            0.00 
_refine.solvent_model_details                    MASK 
_refine.solvent_model_param_ksol                 ? 
_refine.solvent_model_param_bsol                 ? 
_refine.pdbx_solvent_vdw_probe_radii             1.20 
_refine.pdbx_solvent_ion_probe_radii             0.80 
_refine.pdbx_solvent_shrinkage_radii             0.80 
_refine.pdbx_ls_cross_valid_method               THROUGHOUT 
_refine.details                                  'HYDROGENS HAVE BEEN ADDED IN THE RIDING POSITIONS' 
_refine.pdbx_starting_model                      4fnj 
_refine.pdbx_method_to_determine_struct          'MOLECULAR REPLACEMENT' 
_refine.pdbx_isotropic_thermal_model             ? 
_refine.pdbx_stereochemistry_target_values       'MAXIMUM LIKELIHOOD' 
_refine.pdbx_stereochem_target_val_spec_case     ? 
_refine.pdbx_R_Free_selection_details            RANDOM 
_refine.pdbx_overall_ESU_R                       0.312 
_refine.pdbx_overall_ESU_R_Free                  0.270 
_refine.overall_SU_ML                            0.227 
_refine.pdbx_overall_phase_error                 ? 
_refine.overall_SU_B                             11.619 
_refine.overall_SU_R_Cruickshank_DPI             ? 
_refine.pdbx_overall_SU_R_free_Cruickshank_DPI   ? 
_refine.pdbx_overall_SU_R_Blow_DPI               ? 
_refine.pdbx_overall_SU_R_free_Blow_DPI          ? 
# 
_refine_hist.pdbx_refine_id                   'X-RAY DIFFRACTION' 
_refine_hist.cycle_id                         1 
_refine_hist.pdbx_number_atoms_protein        0 
_refine_hist.pdbx_number_atoms_nucleic_acid   709 
_refine_hist.pdbx_number_atoms_ligand         29 
_refine_hist.number_atoms_solvent             12 
_refine_hist.number_atoms_total               750 
_refine_hist.d_res_high                       2.51 
_refine_hist.d_res_low                        43.45 
# 
loop_
_refine_ls_restr.type 
_refine_ls_restr.dev_ideal 
_refine_ls_restr.dev_ideal_target 
_refine_ls_restr.weight 
_refine_ls_restr.number 
_refine_ls_restr.pdbx_refine_id 
_refine_ls_restr.pdbx_restraint_function 
r_bond_refined_d             0.013 0.012  ? 822  'X-RAY DIFFRACTION' ? 
r_bond_other_d               0.022 0.021  ? 350  'X-RAY DIFFRACTION' ? 
r_angle_refined_deg          2.438 1.442  ? 1276 'X-RAY DIFFRACTION' ? 
r_angle_other_deg            2.541 3.070  ? 841  'X-RAY DIFFRACTION' ? 
r_dihedral_angle_1_deg       ?     ?      ? ?    'X-RAY DIFFRACTION' ? 
r_dihedral_angle_2_deg       ?     ?      ? ?    'X-RAY DIFFRACTION' ? 
r_dihedral_angle_3_deg       ?     ?      ? ?    'X-RAY DIFFRACTION' ? 
r_dihedral_angle_4_deg       ?     ?      ? ?    'X-RAY DIFFRACTION' ? 
r_chiral_restr               0.244 0.200  ? 139  'X-RAY DIFFRACTION' ? 
r_gen_planes_refined         0.013 0.020  ? 425  'X-RAY DIFFRACTION' ? 
r_gen_planes_other           0.002 0.020  ? 186  'X-RAY DIFFRACTION' ? 
r_nbd_refined                ?     ?      ? ?    'X-RAY DIFFRACTION' ? 
r_nbd_other                  ?     ?      ? ?    'X-RAY DIFFRACTION' ? 
r_nbtor_refined              ?     ?      ? ?    'X-RAY DIFFRACTION' ? 
r_nbtor_other                ?     ?      ? ?    'X-RAY DIFFRACTION' ? 
r_xyhbond_nbd_refined        ?     ?      ? ?    'X-RAY DIFFRACTION' ? 
r_xyhbond_nbd_other          ?     ?      ? ?    'X-RAY DIFFRACTION' ? 
r_metal_ion_refined          ?     ?      ? ?    'X-RAY DIFFRACTION' ? 
r_metal_ion_other            ?     ?      ? ?    'X-RAY DIFFRACTION' ? 
r_symmetry_vdw_refined       ?     ?      ? ?    'X-RAY DIFFRACTION' ? 
r_symmetry_vdw_other         ?     ?      ? ?    'X-RAY DIFFRACTION' ? 
r_symmetry_hbond_refined     ?     ?      ? ?    'X-RAY DIFFRACTION' ? 
r_symmetry_hbond_other       ?     ?      ? ?    'X-RAY DIFFRACTION' ? 
r_symmetry_metal_ion_refined ?     ?      ? ?    'X-RAY DIFFRACTION' ? 
r_symmetry_metal_ion_other   ?     ?      ? ?    'X-RAY DIFFRACTION' ? 
r_mcbond_it                  ?     ?      ? ?    'X-RAY DIFFRACTION' ? 
r_mcbond_other               ?     ?      ? ?    'X-RAY DIFFRACTION' ? 
r_mcangle_it                 ?     ?      ? ?    'X-RAY DIFFRACTION' ? 
r_mcangle_other              ?     ?      ? ?    'X-RAY DIFFRACTION' ? 
r_scbond_it                  7.261 7.790  ? 822  'X-RAY DIFFRACTION' ? 
r_scbond_other               7.257 7.791  ? 823  'X-RAY DIFFRACTION' ? 
r_scangle_it                 ?     ?      ? ?    'X-RAY DIFFRACTION' ? 
r_scangle_other              8.982 11.629 ? 1277 'X-RAY DIFFRACTION' ? 
r_long_range_B_refined       9.754 79.079 ? 1123 'X-RAY DIFFRACTION' ? 
r_long_range_B_other         9.749 79.087 ? 1124 'X-RAY DIFFRACTION' ? 
r_rigid_bond_restr           ?     ?      ? ?    'X-RAY DIFFRACTION' ? 
r_sphericity_free            ?     ?      ? ?    'X-RAY DIFFRACTION' ? 
r_sphericity_bonded          ?     ?      ? ?    'X-RAY DIFFRACTION' ? 
# 
_refine_ls_shell.pdbx_refine_id                   'X-RAY DIFFRACTION' 
_refine_ls_shell.pdbx_total_number_of_bins_used   20 
_refine_ls_shell.d_res_high                       2.508 
_refine_ls_shell.d_res_low                        2.573 
_refine_ls_shell.number_reflns_R_work             279 
_refine_ls_shell.R_factor_R_work                  0.491 
_refine_ls_shell.percent_reflns_obs               69.76 
_refine_ls_shell.R_factor_R_free                  0.554 
_refine_ls_shell.R_factor_R_free_error            ? 
_refine_ls_shell.percent_reflns_R_free            ? 
_refine_ls_shell.number_reflns_R_free             14 
_refine_ls_shell.number_reflns_all                ? 
_refine_ls_shell.R_factor_all                     ? 
# 
_struct.entry_id                     5V9Z 
_struct.title                        'RNA hairpin structure containing 2-MeImpG analogue bound' 
_struct.pdbx_model_details           ? 
_struct.pdbx_formula_weight          ? 
_struct.pdbx_formula_weight_method   ? 
_struct.pdbx_model_type_details      ? 
_struct.pdbx_CASP_flag               N 
# 
_struct_keywords.entry_id        5V9Z 
_struct_keywords.text            'RNA, molecular evolution' 
_struct_keywords.pdbx_keywords   RNA 
# 
loop_
_struct_asym.id 
_struct_asym.pdbx_blank_PDB_chainid_flag 
_struct_asym.pdbx_modified 
_struct_asym.entity_id 
_struct_asym.details 
A N N 1 ? 
B N N 2 ? 
C N N 3 ? 
D N N 4 ? 
E N N 4 ? 
# 
loop_
_struct_conn.id 
_struct_conn.conn_type_id 
_struct_conn.pdbx_leaving_atom_flag 
_struct_conn.pdbx_PDB_id 
_struct_conn.ptnr1_label_asym_id 
_struct_conn.ptnr1_label_comp_id 
_struct_conn.ptnr1_label_seq_id 
_struct_conn.ptnr1_label_atom_id 
_struct_conn.pdbx_ptnr1_label_alt_id 
_struct_conn.pdbx_ptnr1_PDB_ins_code 
_struct_conn.pdbx_ptnr1_standard_comp_id 
_struct_conn.ptnr1_symmetry 
_struct_conn.ptnr2_label_asym_id 
_struct_conn.ptnr2_label_comp_id 
_struct_conn.ptnr2_label_seq_id 
_struct_conn.ptnr2_label_atom_id 
_struct_conn.pdbx_ptnr2_label_alt_id 
_struct_conn.pdbx_ptnr2_PDB_ins_code 
_struct_conn.ptnr1_auth_asym_id 
_struct_conn.ptnr1_auth_comp_id 
_struct_conn.ptnr1_auth_seq_id 
_struct_conn.ptnr2_auth_asym_id 
_struct_conn.ptnr2_auth_comp_id 
_struct_conn.ptnr2_auth_seq_id 
_struct_conn.ptnr2_symmetry 
_struct_conn.pdbx_ptnr3_label_atom_id 
_struct_conn.pdbx_ptnr3_label_seq_id 
_struct_conn.pdbx_ptnr3_label_comp_id 
_struct_conn.pdbx_ptnr3_label_asym_id 
_struct_conn.pdbx_ptnr3_label_alt_id 
_struct_conn.pdbx_ptnr3_PDB_ins_code 
_struct_conn.details 
_struct_conn.pdbx_dist_value 
_struct_conn.pdbx_value_order 
_struct_conn.pdbx_role 
covale1  covale both ? A G   7  "O3'" ? ? ? 1_555 A LCC 8  P  ? ? A G   7  A LCC 8  1_555 ? ? ? ? ? ? ?            1.656 ? ? 
covale2  covale both ? A LCC 8  "O3'" ? ? ? 1_555 A LCC 9  P  ? ? A LCC 8  A LCC 9  1_555 ? ? ? ? ? ? ?            1.680 ? ? 
covale3  covale both ? A LCC 9  "O3'" ? ? ? 1_555 A G   10 P  ? ? A LCC 9  A G   10 1_555 ? ? ? ? ? ? ?            1.658 ? ? 
hydrog1  hydrog ?    ? A G   2  N1    ? ? ? 1_555 B C   7  N3 ? ? A G   2  B C   7  1_555 ? ? ? ? ? ? WATSON-CRICK ?     ? ? 
hydrog2  hydrog ?    ? A G   2  N2    ? ? ? 1_555 B C   7  O2 ? ? A G   2  B C   7  1_555 ? ? ? ? ? ? WATSON-CRICK ?     ? ? 
hydrog3  hydrog ?    ? A G   2  O6    ? ? ? 1_555 B C   7  N4 ? ? A G   2  B C   7  1_555 ? ? ? ? ? ? WATSON-CRICK ?     ? ? 
hydrog4  hydrog ?    ? A A   3  N1    ? ? ? 1_555 B U   6  N3 ? ? A A   3  B U   6  1_555 ? ? ? ? ? ? WATSON-CRICK ?     ? ? 
hydrog5  hydrog ?    ? A A   3  N6    ? ? ? 1_555 B U   6  O4 ? ? A A   3  B U   6  1_555 ? ? ? ? ? ? WATSON-CRICK ?     ? ? 
hydrog6  hydrog ?    ? A G   4  N1    ? ? ? 1_555 B C   5  N3 ? ? A G   4  B C   5  1_555 ? ? ? ? ? ? WATSON-CRICK ?     ? ? 
hydrog7  hydrog ?    ? A G   4  N2    ? ? ? 1_555 B C   5  O2 ? ? A G   4  B C   5  1_555 ? ? ? ? ? ? WATSON-CRICK ?     ? ? 
hydrog8  hydrog ?    ? A G   4  O6    ? ? ? 1_555 B C   5  N4 ? ? A G   4  B C   5  1_555 ? ? ? ? ? ? WATSON-CRICK ?     ? ? 
hydrog9  hydrog ?    ? A G   5  N1    ? ? ? 1_555 B C   4  N3 ? ? A G   5  B C   4  1_555 ? ? ? ? ? ? WATSON-CRICK ?     ? ? 
hydrog10 hydrog ?    ? A G   5  N2    ? ? ? 1_555 B C   4  O2 ? ? A G   5  B C   4  1_555 ? ? ? ? ? ? WATSON-CRICK ?     ? ? 
hydrog11 hydrog ?    ? A G   5  O6    ? ? ? 1_555 B C   4  N4 ? ? A G   5  B C   4  1_555 ? ? ? ? ? ? WATSON-CRICK ?     ? ? 
hydrog12 hydrog ?    ? A U   6  N3    ? ? ? 1_555 B A   3  N1 ? ? A U   6  B A   3  1_555 ? ? ? ? ? ? WATSON-CRICK ?     ? ? 
hydrog13 hydrog ?    ? A U   6  O4    ? ? ? 1_555 B A   3  N6 ? ? A U   6  B A   3  1_555 ? ? ? ? ? ? WATSON-CRICK ?     ? ? 
hydrog14 hydrog ?    ? A G   7  N1    ? ? ? 1_555 B C   2  N3 ? ? A G   7  B C   2  1_555 ? ? ? ? ? ? WATSON-CRICK ?     ? ? 
hydrog15 hydrog ?    ? A G   7  N2    ? ? ? 1_555 B C   2  O2 ? ? A G   7  B C   2  1_555 ? ? ? ? ? ? WATSON-CRICK ?     ? ? 
hydrog16 hydrog ?    ? A G   7  O6    ? ? ? 1_555 B C   2  N4 ? ? A G   7  B C   2  1_555 ? ? ? ? ? ? WATSON-CRICK ?     ? ? 
hydrog17 hydrog ?    ? A G   10 N1    ? ? ? 1_555 A C   25 N3 ? ? A G   10 A C   25 1_555 ? ? ? ? ? ? WATSON-CRICK ?     ? ? 
hydrog18 hydrog ?    ? A G   10 N2    ? ? ? 1_555 A C   25 O2 ? ? A G   10 A C   25 1_555 ? ? ? ? ? ? WATSON-CRICK ?     ? ? 
hydrog19 hydrog ?    ? A G   10 O6    ? ? ? 1_555 A C   25 N4 ? ? A G   10 A C   25 1_555 ? ? ? ? ? ? WATSON-CRICK ?     ? ? 
hydrog20 hydrog ?    ? A A   11 N1    ? ? ? 1_555 A U   24 N3 ? ? A A   11 A U   24 1_555 ? ? ? ? ? ? WATSON-CRICK ?     ? ? 
hydrog21 hydrog ?    ? A A   11 N6    ? ? ? 1_555 A U   24 O4 ? ? A A   11 A U   24 1_555 ? ? ? ? ? ? WATSON-CRICK ?     ? ? 
hydrog22 hydrog ?    ? A G   12 N1    ? ? ? 1_555 A C   23 N3 ? ? A G   12 A C   23 1_555 ? ? ? ? ? ? WATSON-CRICK ?     ? ? 
hydrog23 hydrog ?    ? A G   12 N2    ? ? ? 1_555 A C   23 O2 ? ? A G   12 A C   23 1_555 ? ? ? ? ? ? WATSON-CRICK ?     ? ? 
hydrog24 hydrog ?    ? A G   12 O6    ? ? ? 1_555 A C   23 N4 ? ? A G   12 A C   23 1_555 ? ? ? ? ? ? WATSON-CRICK ?     ? ? 
hydrog25 hydrog ?    ? A C   13 N3    ? ? ? 1_555 A G   22 N1 ? ? A C   13 A G   22 1_555 ? ? ? ? ? ? WATSON-CRICK ?     ? ? 
hydrog26 hydrog ?    ? A C   13 N4    ? ? ? 1_555 A G   22 O6 ? ? A C   13 A G   22 1_555 ? ? ? ? ? ? WATSON-CRICK ?     ? ? 
hydrog27 hydrog ?    ? A C   13 O2    ? ? ? 1_555 A G   22 N2 ? ? A C   13 A G   22 1_555 ? ? ? ? ? ? WATSON-CRICK ?     ? ? 
hydrog28 hydrog ?    ? A G   14 N1    ? ? ? 1_555 A C   21 N3 ? ? A G   14 A C   21 1_555 ? ? ? ? ? ? WATSON-CRICK ?     ? ? 
hydrog29 hydrog ?    ? A G   14 N2    ? ? ? 1_555 A C   21 O2 ? ? A G   14 A C   21 1_555 ? ? ? ? ? ? WATSON-CRICK ?     ? ? 
hydrog30 hydrog ?    ? A G   14 O6    ? ? ? 1_555 A C   21 N4 ? ? A G   14 A C   21 1_555 ? ? ? ? ? ? WATSON-CRICK ?     ? ? 
hydrog31 hydrog ?    ? A C   15 N3    ? ? ? 1_555 A G   20 N1 ? ? A C   15 A G   20 1_555 ? ? ? ? ? ? WATSON-CRICK ?     ? ? 
hydrog32 hydrog ?    ? A C   15 N4    ? ? ? 1_555 A G   20 O6 ? ? A C   15 A G   20 1_555 ? ? ? ? ? ? WATSON-CRICK ?     ? ? 
hydrog33 hydrog ?    ? A C   15 O2    ? ? ? 1_555 A G   20 N2 ? ? A C   15 A G   20 1_555 ? ? ? ? ? ? WATSON-CRICK ?     ? ? 
hydrog34 hydrog ?    ? A G   16 N2    ? ? ? 1_555 A A   19 N7 ? ? A G   16 A A   19 1_555 ? ? ? ? ? ? TYPE_11_PAIR ?     ? ? 
hydrog35 hydrog ?    ? A G   16 N3    ? ? ? 1_555 A A   19 N6 ? ? A G   16 A A   19 1_555 ? ? ? ? ? ? TYPE_11_PAIR ?     ? ? 
# 
loop_
_struct_conn_type.id 
_struct_conn_type.criteria 
_struct_conn_type.reference 
covale ? ? 
hydrog ? ? 
# 
loop_
_struct_site.id 
_struct_site.pdbx_evidence_code 
_struct_site.pdbx_auth_asym_id 
_struct_site.pdbx_auth_comp_id 
_struct_site.pdbx_auth_seq_id 
_struct_site.pdbx_auth_ins_code 
_struct_site.pdbx_num_residues 
_struct_site.details 
AC1 Software A 8OS 101 ? 8 'binding site for residue 8OS A 101'            
AC2 Software A LCC 8   ? 5 'binding site for residues LCC A 8 and LCC A 9' 
# 
loop_
_struct_site_gen.id 
_struct_site_gen.site_id 
_struct_site_gen.pdbx_num_res 
_struct_site_gen.label_comp_id 
_struct_site_gen.label_asym_id 
_struct_site_gen.label_seq_id 
_struct_site_gen.pdbx_auth_ins_code 
_struct_site_gen.auth_comp_id 
_struct_site_gen.auth_asym_id 
_struct_site_gen.auth_seq_id 
_struct_site_gen.label_atom_id 
_struct_site_gen.label_alt_id 
_struct_site_gen.symmetry 
_struct_site_gen.details 
1  AC1 8 G   A 2  ? G   A 2   . ? 5_446 ? 
2  AC1 8 A   A 3  ? A   A 3   . ? 5_446 ? 
3  AC1 8 LCC A 9  ? LCC A 9   . ? 1_555 ? 
4  AC1 8 G   A 10 ? G   A 10  . ? 1_555 ? 
5  AC1 8 A   A 17 ? A   A 17  . ? 3_554 ? 
6  AC1 8 C   A 25 ? C   A 25  . ? 1_555 ? 
7  AC1 8 G   B 1  ? G   B 1   . ? 1_555 ? 
8  AC1 8 C   B 7  ? C   B 7   . ? 5_446 ? 
9  AC2 5 G   A 2  ? G   A 2   . ? 5_446 ? 
10 AC2 5 G   A 7  ? G   A 7   . ? 1_555 ? 
11 AC2 5 G   A 10 ? G   A 10  . ? 1_555 ? 
12 AC2 5 8OS C .  ? 8OS A 101 . ? 1_555 ? 
13 AC2 5 G   B 1  ? G   B 1   . ? 1_555 ? 
# 
_atom_sites.entry_id                    5V9Z 
_atom_sites.fract_transf_matrix[1][1]   -0.00124820 
_atom_sites.fract_transf_matrix[1][2]   0.00356161 
_atom_sites.fract_transf_matrix[1][3]   -0.02176218 
_atom_sites.fract_transf_matrix[2][1]   -0.01440028 
_atom_sites.fract_transf_matrix[2][2]   0.01637605 
_atom_sites.fract_transf_matrix[2][3]   0.00350606 
_atom_sites.fract_transf_matrix[3][1]   0.00489139 
_atom_sites.fract_transf_matrix[3][2]   0.00421366 
_atom_sites.fract_transf_matrix[3][3]   0.00040906 
_atom_sites.fract_transf_vector[1]      -0.134363 
_atom_sites.fract_transf_vector[2]      0.731774 
_atom_sites.fract_transf_vector[3]      0.939928 
# 
loop_
_atom_type.symbol 
C 
N 
O 
P 
# 
loop_
_atom_site.group_PDB 
_atom_site.id 
_atom_site.type_symbol 
_atom_site.label_atom_id 
_atom_site.label_alt_id 
_atom_site.label_comp_id 
_atom_site.label_asym_id 
_atom_site.label_entity_id 
_atom_site.label_seq_id 
_atom_site.pdbx_PDB_ins_code 
_atom_site.Cartn_x 
_atom_site.Cartn_y 
_atom_site.Cartn_z 
_atom_site.occupancy 
_atom_site.B_iso_or_equiv 
_atom_site.pdbx_formal_charge 
_atom_site.auth_seq_id 
_atom_site.auth_comp_id 
_atom_site.auth_asym_id 
_atom_site.auth_atom_id 
_atom_site.pdbx_PDB_model_num 
ATOM   1   O "O5'" . U   A 1 1  ? -18.775 -9.634  5.213   1.00 176.42 ?  1   U   A "O5'" 1 
ATOM   2   C "C5'" . U   A 1 1  ? -19.911 -9.687  6.105   1.00 180.38 ?  1   U   A "C5'" 1 
ATOM   3   C "C4'" . U   A 1 1  ? -19.566 -9.199  7.505   1.00 174.00 ?  1   U   A "C4'" 1 
ATOM   4   O "O4'" . U   A 1 1  ? -19.776 -10.267 8.453   1.00 182.00 ?  1   U   A "O4'" 1 
ATOM   5   C "C3'" . U   A 1 1  ? -18.134 -8.744  7.792   1.00 149.22 ?  1   U   A "C3'" 1 
ATOM   6   O "O3'" . U   A 1 1  ? -17.987 -7.409  7.289   1.00 97.67  ?  1   U   A "O3'" 1 
ATOM   7   C "C2'" . U   A 1 1  ? -17.951 -9.013  9.302   1.00 149.36 ?  1   U   A "C2'" 1 
ATOM   8   O "O2'" . U   A 1 1  ? -17.914 -7.923  10.201  1.00 119.27 ?  1   U   A "O2'" 1 
ATOM   9   C "C1'" . U   A 1 1  ? -19.153 -9.907  9.664   1.00 173.47 ?  1   U   A "C1'" 1 
ATOM   10  N N1    . U   A 1 1  ? -18.841 -11.130 10.434  1.00 199.81 ?  1   U   A N1    1 
ATOM   11  C C2    . U   A 1 1  ? -19.767 -12.165 10.439  1.00 191.60 ?  1   U   A C2    1 
ATOM   12  O O2    . U   A 1 1  ? -20.813 -12.130 9.808   1.00 147.33 ?  1   U   A O2    1 
ATOM   13  N N3    . U   A 1 1  ? -19.410 -13.254 11.198  1.00 190.67 ?  1   U   A N3    1 
ATOM   14  C C4    . U   A 1 1  ? -18.264 -13.407 11.954  1.00 189.64 ?  1   U   A C4    1 
ATOM   15  O O4    . U   A 1 1  ? -18.092 -14.448 12.587  1.00 182.61 ?  1   U   A O4    1 
ATOM   16  C C5    . U   A 1 1  ? -17.367 -12.290 11.912  1.00 191.09 ?  1   U   A C5    1 
ATOM   17  C C6    . U   A 1 1  ? -17.682 -11.213 11.183  1.00 202.14 ?  1   U   A C6    1 
ATOM   18  P P     . G   A 1 2  ? -16.699 -6.477  7.613   1.00 91.10  ?  2   G   A P     1 
ATOM   19  O OP1   . G   A 1 2  ? -15.968 -6.187  6.351   1.00 93.07  -1 2   G   A OP1   1 
ATOM   20  O OP2   . G   A 1 2  ? -15.994 -6.961  8.824   1.00 95.83  ?  2   G   A OP2   1 
ATOM   21  O "O5'" . G   A 1 2  ? -17.357 -5.090  8.020   1.00 95.81  ?  2   G   A "O5'" 1 
ATOM   22  C "C5'" . G   A 1 2  ? -18.723 -4.803  7.671   1.00 74.46  ?  2   G   A "C5'" 1 
ATOM   23  C "C4'" . G   A 1 2  ? -19.130 -3.471  8.226   1.00 67.03  ?  2   G   A "C4'" 1 
ATOM   24  O "O4'" . G   A 1 2  ? -19.303 -3.556  9.667   1.00 66.07  ?  2   G   A "O4'" 1 
ATOM   25  C "C3'" . G   A 1 2  ? -18.122 -2.358  8.021   1.00 60.75  ?  2   G   A "C3'" 1 
ATOM   26  O "O3'" . G   A 1 2  ? -18.284 -1.875  6.701   1.00 58.31  ?  2   G   A "O3'" 1 
ATOM   27  C "C2'" . G   A 1 2  ? -18.515 -1.409  9.130   1.00 62.66  ?  2   G   A "C2'" 1 
ATOM   28  O "O2'" . G   A 1 2  ? -19.708 -0.720  8.849   1.00 77.49  ?  2   G   A "O2'" 1 
ATOM   29  C "C1'" . G   A 1 2  ? -18.785 -2.387  10.266  1.00 67.55  ?  2   G   A "C1'" 1 
ATOM   30  N N9    . G   A 1 2  ? -17.589 -2.728  11.033  1.00 69.68  ?  2   G   A N9    1 
ATOM   31  C C8    . G   A 1 2  ? -16.841 -3.879  10.971  1.00 70.38  ?  2   G   A C8    1 
ATOM   32  N N7    . G   A 1 2  ? -15.828 -3.876  11.798  1.00 67.87  ?  2   G   A N7    1 
ATOM   33  C C5    . G   A 1 2  ? -15.909 -2.647  12.436  1.00 66.17  ?  2   G   A C5    1 
ATOM   34  C C6    . G   A 1 2  ? -15.097 -2.086  13.449  1.00 65.16  ?  2   G   A C6    1 
ATOM   35  O O6    . G   A 1 2  ? -14.105 -2.568  13.995  1.00 65.71  ?  2   G   A O6    1 
ATOM   36  N N1    . G   A 1 2  ? -15.546 -0.827  13.825  1.00 69.47  ?  2   G   A N1    1 
ATOM   37  C C2    . G   A 1 2  ? -16.636 -0.186  13.295  1.00 66.94  ?  2   G   A C2    1 
ATOM   38  N N2    . G   A 1 2  ? -16.904 1.028   13.789  1.00 67.44  ?  2   G   A N2    1 
ATOM   39  N N3    . G   A 1 2  ? -17.411 -0.704  12.357  1.00 64.39  ?  2   G   A N3    1 
ATOM   40  C C4    . G   A 1 2  ? -16.995 -1.931  11.980  1.00 70.88  ?  2   G   A C4    1 
ATOM   41  P P     . A   A 1 3  ? -17.105 -1.076  5.995   1.00 71.10  ?  3   A   A P     1 
ATOM   42  O OP1   . A   A 1 3  ? -17.601 -0.505  4.717   1.00 56.52  ?  3   A   A OP1   1 
ATOM   43  O OP2   . A   A 1 3  ? -15.869 -1.931  6.042   1.00 59.54  -1 3   A   A OP2   1 
ATOM   44  O "O5'" . A   A 1 3  ? -16.889 0.151   6.976   1.00 63.89  ?  3   A   A "O5'" 1 
ATOM   45  C "C5'" . A   A 1 3  ? -17.538 1.390   6.773   1.00 60.08  ?  3   A   A "C5'" 1 
ATOM   46  C "C4'" . A   A 1 3  ? -17.118 2.323   7.873   1.00 64.32  ?  3   A   A "C4'" 1 
ATOM   47  O "O4'" . A   A 1 3  ? -17.119 1.645   9.151   1.00 64.92  ?  3   A   A "O4'" 1 
ATOM   48  C "C3'" . A   A 1 3  ? -15.703 2.857   7.782   1.00 62.08  ?  3   A   A "C3'" 1 
ATOM   49  O "O3'" . A   A 1 3  ? -15.747 3.848   6.784   1.00 62.92  ?  3   A   A "O3'" 1 
ATOM   50  C "C2'" . A   A 1 3  ? -15.486 3.348   9.201   1.00 62.62  ?  3   A   A "C2'" 1 
ATOM   51  O "O2'" . A   A 1 3  ? -16.176 4.535   9.510   1.00 62.49  ?  3   A   A "O2'" 1 
ATOM   52  C "C1'" . A   A 1 3  ? -16.116 2.206   9.984   1.00 63.57  ?  3   A   A "C1'" 1 
ATOM   53  N N9    . A   A 1 3  ? -15.152 1.162   10.306  1.00 66.44  ?  3   A   A N9    1 
ATOM   54  C C8    . A   A 1 3  ? -14.959 -0.057  9.706   1.00 74.34  ?  3   A   A C8    1 
ATOM   55  N N7    . A   A 1 3  ? -14.019 -0.777  10.265  1.00 74.23  ?  3   A   A N7    1 
ATOM   56  C C5    . A   A 1 3  ? -13.541 0.036   11.281  1.00 68.16  ?  3   A   A C5    1 
ATOM   57  C C6    . A   A 1 3  ? -12.526 -0.141  12.226  1.00 65.40  ?  3   A   A C6    1 
ATOM   58  N N6    . A   A 1 3  ? -11.781 -1.240  12.309  1.00 65.79  ?  3   A   A N6    1 
ATOM   59  N N1    . A   A 1 3  ? -12.319 0.848   13.116  1.00 63.55  ?  3   A   A N1    1 
ATOM   60  C C2    . A   A 1 3  ? -13.071 1.952   13.035  1.00 65.49  ?  3   A   A C2    1 
ATOM   61  N N3    . A   A 1 3  ? -14.041 2.244   12.180  1.00 66.57  ?  3   A   A N3    1 
ATOM   62  C C4    . A   A 1 3  ? -14.237 1.226   11.326  1.00 66.69  ?  3   A   A C4    1 
ATOM   63  P P     . G   A 1 4  ? -14.486 4.076   5.858   1.00 69.00  ?  4   G   A P     1 
ATOM   64  O OP1   . G   A 1 4  ? -14.906 5.001   4.762   1.00 63.18  ?  4   G   A OP1   1 
ATOM   65  O OP2   . G   A 1 4  ? -13.926 2.738   5.489   1.00 65.68  -1 4   G   A OP2   1 
ATOM   66  O "O5'" . G   A 1 4  ? -13.492 4.787   6.878   1.00 64.41  ?  4   G   A "O5'" 1 
ATOM   67  C "C5'" . G   A 1 4  ? -13.743 6.139   7.273   1.00 66.32  ?  4   G   A "C5'" 1 
ATOM   68  C "C4'" . G   A 1 4  ? -12.831 6.565   8.396   1.00 66.33  ?  4   G   A "C4'" 1 
ATOM   69  O "O4'" . G   A 1 4  ? -13.009 5.721   9.567   1.00 67.95  ?  4   G   A "O4'" 1 
ATOM   70  C "C3'" . G   A 1 4  ? -11.340 6.490   8.129   1.00 68.17  ?  4   G   A "C3'" 1 
ATOM   71  O "O3'" . G   A 1 4  ? -10.958 7.542   7.267   1.00 70.54  ?  4   G   A "O3'" 1 
ATOM   72  C "C2'" . G   A 1 4  ? -10.803 6.546   9.549   1.00 68.62  ?  4   G   A "C2'" 1 
ATOM   73  O "O2'" . G   A 1 4  ? -10.893 7.828   10.152  1.00 71.73  ?  4   G   A "O2'" 1 
ATOM   74  C "C1'" . G   A 1 4  ? -11.760 5.575   10.239  1.00 69.95  ?  4   G   A "C1'" 1 
ATOM   75  N N9    . G   A 1 4  ? -11.348 4.175   10.138  1.00 66.09  ?  4   G   A N9    1 
ATOM   76  C C8    . G   A 1 4  ? -11.836 3.222   9.277   1.00 63.13  ?  4   G   A C8    1 
ATOM   77  N N7    . G   A 1 4  ? -11.272 2.057   9.432   1.00 67.45  ?  4   G   A N7    1 
ATOM   78  C C5    . G   A 1 4  ? -10.348 2.255   10.447  1.00 67.04  ?  4   G   A C5    1 
ATOM   79  C C6    . G   A 1 4  ? -9.451  1.349   11.058  1.00 64.71  ?  4   G   A C6    1 
ATOM   80  O O6    . G   A 1 4  ? -9.266  0.158   10.800  1.00 66.58  ?  4   G   A O6    1 
ATOM   81  N N1    . G   A 1 4  ? -8.700  1.964   12.049  1.00 63.51  ?  4   G   A N1    1 
ATOM   82  C C2    . G   A 1 4  ? -8.791  3.285   12.403  1.00 68.44  ?  4   G   A C2    1 
ATOM   83  N N2    . G   A 1 4  ? -7.983  3.693   13.388  1.00 79.72  ?  4   G   A N2    1 
ATOM   84  N N3    . G   A 1 4  ? -9.638  4.136   11.856  1.00 79.21  ?  4   G   A N3    1 
ATOM   85  C C4    . G   A 1 4  ? -10.387 3.555   10.896  1.00 69.22  ?  4   G   A C4    1 
ATOM   86  P P     . G   A 1 5  ? -9.651  7.400   6.385   1.00 76.06  ?  5   G   A P     1 
ATOM   87  O OP1   . G   A 1 5  ? -9.608  8.570   5.475   1.00 62.47  ?  5   G   A OP1   1 
ATOM   88  O OP2   . G   A 1 5  ? -9.662  6.048   5.800   1.00 61.37  -1 5   G   A OP2   1 
ATOM   89  O "O5'" . G   A 1 5  ? -8.502  7.470   7.501   1.00 72.18  ?  5   G   A "O5'" 1 
ATOM   90  C "C5'" . G   A 1 5  ? -7.241  6.778   7.326   1.00 62.68  ?  5   G   A "C5'" 1 
ATOM   91  C "C4'" . G   A 1 5  ? -6.514  6.616   8.637   1.00 64.86  ?  5   G   A "C4'" 1 
ATOM   92  O "O4'" . G   A 1 5  ? -7.264  5.758   9.540   1.00 73.50  ?  5   G   A "O4'" 1 
ATOM   93  C "C3'" . G   A 1 5  ? -5.149  5.968   8.542   1.00 66.89  ?  5   G   A "C3'" 1 
ATOM   94  O "O3'" . G   A 1 5  ? -4.209  6.994   8.262   1.00 67.29  ?  5   G   A "O3'" 1 
ATOM   95  C "C2'" . G   A 1 5  ? -4.995  5.385   9.938   1.00 67.89  ?  5   G   A "C2'" 1 
ATOM   96  O "O2'" . G   A 1 5  ? -4.795  6.389   10.900  1.00 73.47  ?  5   G   A "O2'" 1 
ATOM   97  C "C1'" . G   A 1 5  ? -6.395  4.835   10.186  1.00 71.04  ?  5   G   A "C1'" 1 
ATOM   98  N N9    . G   A 1 5  ? -6.636  3.491   9.650   1.00 75.49  ?  5   G   A N9    1 
ATOM   99  C C8    . G   A 1 5  ? -7.518  3.145   8.651   1.00 68.15  ?  5   G   A C8    1 
ATOM   100 N N7    . G   A 1 5  ? -7.521  1.867   8.387   1.00 65.79  ?  5   G   A N7    1 
ATOM   101 C C5    . G   A 1 5  ? -6.575  1.334   9.251   1.00 77.84  ?  5   G   A C5    1 
ATOM   102 C C6    . G   A 1 5  ? -6.135  -0.009  9.420   1.00 79.48  ?  5   G   A C6    1 
ATOM   103 O O6    . G   A 1 5  ? -6.500  -1.020  8.819   1.00 69.08  ?  5   G   A O6    1 
ATOM   104 N N1    . G   A 1 5  ? -5.158  -0.106  10.406  1.00 82.10  ?  5   G   A N1    1 
ATOM   105 C C2    . G   A 1 5  ? -4.665  0.946   11.135  1.00 71.52  ?  5   G   A C2    1 
ATOM   106 N N2    . G   A 1 5  ? -3.739  0.641   12.049  1.00 77.71  ?  5   G   A N2    1 
ATOM   107 N N3    . G   A 1 5  ? -5.079  2.199   11.004  1.00 71.69  ?  5   G   A N3    1 
ATOM   108 C C4    . G   A 1 5  ? -6.027  2.320   10.047  1.00 75.38  ?  5   G   A C4    1 
ATOM   109 P P     . U   A 1 6  ? -3.084  6.803   7.136   1.00 70.14  ?  6   U   A P     1 
ATOM   110 O OP1   . U   A 1 6  ? -2.465  8.132   6.903   1.00 77.28  ?  6   U   A OP1   1 
ATOM   111 O OP2   . U   A 1 6  ? -3.651  6.028   5.993   1.00 61.03  -1 6   U   A OP2   1 
ATOM   112 O "O5'" . U   A 1 6  ? -1.991  5.898   7.859   1.00 71.49  ?  6   U   A "O5'" 1 
ATOM   113 C "C5'" . U   A 1 6  ? -1.332  6.346   9.047   1.00 69.27  ?  6   U   A "C5'" 1 
ATOM   114 C "C4'" . U   A 1 6  ? -0.560  5.226   9.716   1.00 72.46  ?  6   U   A "C4'" 1 
ATOM   115 O "O4'" . U   A 1 6  ? -1.461  4.292   10.379  1.00 65.30  ?  6   U   A "O4'" 1 
ATOM   116 C "C3'" . U   A 1 6  ? 0.326   4.338   8.853   1.00 68.05  ?  6   U   A "C3'" 1 
ATOM   117 O "O3'" . U   A 1 6  ? 1.543   4.998   8.547   1.00 68.08  ?  6   U   A "O3'" 1 
ATOM   118 C "C2'" . U   A 1 6  ? 0.509   3.158   9.795   1.00 69.06  ?  6   U   A "C2'" 1 
ATOM   119 O "O2'" . U   A 1 6  ? 1.279   3.339   10.968  1.00 63.55  ?  6   U   A "O2'" 1 
ATOM   120 C "C1'" . U   A 1 6  ? -0.915  2.983   10.308  1.00 69.72  ?  6   U   A "C1'" 1 
ATOM   121 N N1    . U   A 1 6  ? -1.733  2.158   9.402   1.00 66.18  ?  6   U   A N1    1 
ATOM   122 C C2    . U   A 1 6  ? -1.558  0.777   9.429   1.00 66.73  ?  6   U   A C2    1 
ATOM   123 O O2    . U   A 1 6  ? -0.760  0.216   10.164  1.00 58.56  ?  6   U   A O2    1 
ATOM   124 N N3    . U   A 1 6  ? -2.346  0.079   8.551   1.00 69.68  ?  6   U   A N3    1 
ATOM   125 C C4    . U   A 1 6  ? -3.278  0.594   7.678   1.00 67.82  ?  6   U   A C4    1 
ATOM   126 O O4    . U   A 1 6  ? -3.904  -0.170  6.947   1.00 70.77  ?  6   U   A O4    1 
ATOM   127 C C5    . U   A 1 6  ? -3.390  2.023   7.696   1.00 69.46  ?  6   U   A C5    1 
ATOM   128 C C6    . U   A 1 6  ? -2.631  2.738   8.533   1.00 61.68  ?  6   U   A C6    1 
ATOM   129 P P     . G   A 1 7  ? 2.419   4.607   7.258   1.00 73.86  ?  7   G   A P     1 
ATOM   130 O OP1   . G   A 1 7  ? 3.637   5.448   7.295   1.00 75.13  ?  7   G   A OP1   1 
ATOM   131 O OP2   . G   A 1 7  ? 1.563   4.642   6.029   1.00 59.46  -1 7   G   A OP2   1 
ATOM   132 O "O5'" . G   A 1 7  ? 2.914   3.142   7.617   1.00 63.83  ?  7   G   A "O5'" 1 
ATOM   133 C "C5'" . G   A 1 7  ? 3.674   2.951   8.818   1.00 72.94  ?  7   G   A "C5'" 1 
ATOM   134 C "C4'" . G   A 1 7  ? 3.862   1.485   9.106   1.00 71.99  ?  7   G   A "C4'" 1 
ATOM   135 O "O4'" . G   A 1 7  ? 2.595   0.838   9.378   1.00 78.86  ?  7   G   A "O4'" 1 
ATOM   136 C "C3'" . G   A 1 7  ? 4.435   0.694   7.953   1.00 67.01  ?  7   G   A "C3'" 1 
ATOM   137 O "O3'" . G   A 1 7  ? 5.829   0.884   7.921   1.00 56.71  ?  7   G   A "O3'" 1 
ATOM   138 C "C2'" . G   A 1 7  ? 4.002   -0.719  8.288   1.00 71.41  ?  7   G   A "C2'" 1 
ATOM   139 O "O2'" . G   A 1 7  ? 4.807   -1.366  9.245   1.00 70.45  ?  7   G   A "O2'" 1 
ATOM   140 C "C1'" . G   A 1 7  ? 2.608   -0.475  8.852   1.00 71.43  ?  7   G   A "C1'" 1 
ATOM   141 N N9    . G   A 1 7  ? 1.573   -0.575  7.833   1.00 66.82  ?  7   G   A N9    1 
ATOM   142 C C8    . G   A 1 7  ? 0.906   0.454   7.218   1.00 70.86  ?  7   G   A C8    1 
ATOM   143 N N7    . G   A 1 7  ? 0.029   0.045   6.345   1.00 70.53  ?  7   G   A N7    1 
ATOM   144 C C5    . G   A 1 7  ? 0.135   -1.336  6.373   1.00 75.80  ?  7   G   A C5    1 
ATOM   145 C C6    . G   A 1 7  ? -0.574  -2.326  5.647   1.00 76.44  ?  7   G   A C6    1 
ATOM   146 O O6    . G   A 1 7  ? -1.460  -2.172  4.802   1.00 73.61  ?  7   G   A O6    1 
ATOM   147 N N1    . G   A 1 7  ? -0.151  -3.608  5.981   1.00 75.39  ?  7   G   A N1    1 
ATOM   148 C C2    . G   A 1 7  ? 0.823   -3.900  6.906   1.00 69.13  ?  7   G   A C2    1 
ATOM   149 N N2    . G   A 1 7  ? 1.074   -5.193  7.102   1.00 69.15  ?  7   G   A N2    1 
ATOM   150 N N3    . G   A 1 7  ? 1.482   -2.988  7.602   1.00 68.01  ?  7   G   A N3    1 
ATOM   151 C C4    . G   A 1 7  ? 1.093   -1.734  7.282   1.00 73.77  ?  7   G   A C4    1 
HETATM 152 O "O5'" . LCC A 1 8  ? 6.229   -0.382  6.109   1.00 81.85  ?  8   LCC A "O5'" 1 
HETATM 153 C "C5'" . LCC A 1 8  ? 7.012   -1.535  6.577   1.00 75.31  ?  8   LCC A "C5'" 1 
HETATM 154 C "C4'" . LCC A 1 8  ? 6.290   -2.774  5.999   1.00 80.07  ?  8   LCC A "C4'" 1 
HETATM 155 O "O4'" . LCC A 1 8  ? 4.881   -2.953  6.371   1.00 71.03  ?  8   LCC A "O4'" 1 
HETATM 156 C "C1'" . LCC A 1 8  ? 4.356   -3.658  5.249   1.00 76.12  ?  8   LCC A "C1'" 1 
HETATM 157 N N1    . LCC A 1 8  ? 3.317   -2.907  4.483   1.00 76.56  ?  8   LCC A N1    1 
HETATM 158 C C6    . LCC A 1 8  ? 3.199   -1.489  4.513   1.00 85.02  ?  8   LCC A C6    1 
HETATM 159 C C5    . LCC A 1 8  ? 2.209   -0.859  3.751   1.00 82.99  ?  8   LCC A C5    1 
HETATM 160 C C5M   . LCC A 1 8  ? 2.023   0.545   3.734   1.00 77.18  ?  8   LCC A C5M   1 
HETATM 161 C C4    . LCC A 1 8  ? 1.394   -1.689  3.009   1.00 71.67  ?  8   LCC A C4    1 
HETATM 162 N N4    . LCC A 1 8  ? 0.471   -1.106  2.307   1.00 74.56  ?  8   LCC A N4    1 
HETATM 163 N N3    . LCC A 1 8  ? 1.522   -3.011  3.013   1.00 74.69  ?  8   LCC A N3    1 
HETATM 164 C C2    . LCC A 1 8  ? 2.477   -3.618  3.730   1.00 72.10  ?  8   LCC A C2    1 
HETATM 165 O O2    . LCC A 1 8  ? 2.575   -4.845  3.684   1.00 71.23  ?  8   LCC A O2    1 
HETATM 166 C "C3'" . LCC A 1 8  ? 6.265   -2.717  4.479   1.00 72.58  ?  8   LCC A "C3'" 1 
HETATM 167 C "C2'" . LCC A 1 8  ? 5.589   -3.962  4.365   1.00 69.13  ?  8   LCC A "C2'" 1 
HETATM 168 O "O2'" . LCC A 1 8  ? 6.531   -4.845  5.095   1.00 68.73  ?  8   LCC A "O2'" 1 
HETATM 169 O "O3'" . LCC A 1 8  ? 7.495   -2.772  3.879   1.00 62.31  ?  8   LCC A "O3'" 1 
HETATM 170 C "C6'" . LCC A 1 8  ? 7.000   -4.150  6.296   1.00 67.82  ?  8   LCC A "C6'" 1 
HETATM 171 P P     . LCC A 1 8  ? 6.505   1.174   6.438   1.00 64.87  ?  8   LCC A P     1 
HETATM 172 O O1P   . LCC A 1 8  ? 7.931   1.117   6.930   1.00 66.02  ?  8   LCC A O1P   1 
HETATM 173 O O2P   . LCC A 1 8  ? 6.237   1.629   4.971   1.00 74.66  -1 8   LCC A O2P   1 
HETATM 174 O "O5'" . LCC A 1 9  ? 7.564   -4.324  1.304   1.00 75.54  ?  9   LCC A "O5'" 1 
HETATM 175 C "C5'" . LCC A 1 9  ? 7.748   -5.518  2.043   1.00 71.93  ?  9   LCC A "C5'" 1 
HETATM 176 C "C4'" . LCC A 1 9  ? 6.687   -6.431  1.449   1.00 75.18  ?  9   LCC A "C4'" 1 
HETATM 177 O "O4'" . LCC A 1 9  ? 5.328   -6.277  1.930   1.00 77.29  ?  9   LCC A "O4'" 1 
HETATM 178 C "C1'" . LCC A 1 9  ? 4.514   -6.978  0.941   1.00 75.15  ?  9   LCC A "C1'" 1 
HETATM 179 N N1    . LCC A 1 9  ? 3.513   -6.092  0.331   1.00 77.65  ?  9   LCC A N1    1 
HETATM 180 C C6    . LCC A 1 9  ? 3.681   -4.710  0.441   1.00 74.33  ?  9   LCC A C6    1 
HETATM 181 C C5    . LCC A 1 9  ? 2.764   -3.857  -0.108  1.00 69.54  ?  9   LCC A C5    1 
HETATM 182 C C5M   . LCC A 1 9  ? 2.970   -2.488  0.039   1.00 65.87  ?  9   LCC A C5M   1 
HETATM 183 C C4    . LCC A 1 9  ? 1.682   -4.436  -0.752  1.00 71.51  ?  9   LCC A C4    1 
HETATM 184 N N4    . LCC A 1 9  ? 0.808   -3.617  -1.273  1.00 76.86  ?  9   LCC A N4    1 
HETATM 185 N N3    . LCC A 1 9  ? 1.537   -5.765  -0.863  1.00 76.34  ?  9   LCC A N3    1 
HETATM 186 C C2    . LCC A 1 9  ? 2.455   -6.611  -0.324  1.00 80.36  ?  9   LCC A C2    1 
HETATM 187 O O2    . LCC A 1 9  ? 2.342   -7.846  -0.431  1.00 72.00  ?  9   LCC A O2    1 
HETATM 188 C "C3'" . LCC A 1 9  ? 6.465   -6.289  -0.028  1.00 71.29  ?  9   LCC A "C3'" 1 
HETATM 189 C "C2'" . LCC A 1 9  ? 5.508   -7.429  -0.058  1.00 74.06  ?  9   LCC A "C2'" 1 
HETATM 190 O "O2'" . LCC A 1 9  ? 6.229   -8.511  0.554   1.00 72.54  ?  9   LCC A "O2'" 1 
HETATM 191 O "O3'" . LCC A 1 9  ? 7.426   -6.520  -0.989  1.00 58.21  ?  9   LCC A "O3'" 1 
HETATM 192 C "C6'" . LCC A 1 9  ? 7.139   -7.912  1.578   1.00 71.53  ?  9   LCC A "C6'" 1 
HETATM 193 P P     . LCC A 1 9  ? 7.730   -2.972  2.228   1.00 73.90  ?  9   LCC A P     1 
HETATM 194 O O1P   . LCC A 1 9  ? 9.358   -2.776  1.700   1.00 68.47  ?  9   LCC A O1P   1 
HETATM 195 O O2P   . LCC A 1 9  ? 7.037   -1.812  1.031   1.00 71.76  ?  9   LCC A O2P   1 
ATOM   196 P P     . G   A 1 10 ? 7.728   -6.549  -2.619  1.00 73.87  ?  10  G   A P     1 
ATOM   197 O OP1   . G   A 1 10 ? 9.069   -7.220  -2.631  1.00 74.15  ?  10  G   A OP1   1 
ATOM   198 O OP2   . G   A 1 10 ? 7.656   -5.163  -3.227  1.00 73.41  -1 10  G   A OP2   1 
ATOM   199 O "O5'" . G   A 1 10 ? 6.838   -7.537  -3.489  1.00 75.65  ?  10  G   A "O5'" 1 
ATOM   200 C "C5'" . G   A 1 10 ? 6.672   -8.903  -3.090  1.00 75.38  ?  10  G   A "C5'" 1 
ATOM   201 C "C4'" . G   A 1 10 ? 5.508   -9.501  -3.838  1.00 74.96  ?  10  G   A "C4'" 1 
ATOM   202 O "O4'" . G   A 1 10 ? 4.241   -9.140  -3.210  1.00 68.48  ?  10  G   A "O4'" 1 
ATOM   203 C "C3'" . G   A 1 10 ? 5.362   -9.016  -5.270  1.00 70.48  ?  10  G   A "C3'" 1 
ATOM   204 O "O3'" . G   A 1 10 ? 6.164   -9.793  -6.124  1.00 69.56  ?  10  G   A "O3'" 1 
ATOM   205 C "C2'" . G   A 1 10 ? 3.900   -9.293  -5.521  1.00 70.89  ?  10  G   A "C2'" 1 
ATOM   206 O "O2'" . G   A 1 10 ? 3.711   -10.686 -5.632  1.00 74.63  ?  10  G   A "O2'" 1 
ATOM   207 C "C1'" . G   A 1 10 ? 3.302   -8.795  -4.214  1.00 69.79  ?  10  G   A "C1'" 1 
ATOM   208 N N9    . G   A 1 10 ? 3.016   -7.362  -4.134  1.00 64.76  ?  10  G   A N9    1 
ATOM   209 C C8    . G   A 1 10 ? 3.747   -6.399  -3.483  1.00 63.80  ?  10  G   A C8    1 
ATOM   210 N N7    . G   A 1 10 ? 3.189   -5.221  -3.519  1.00 64.29  ?  10  G   A N7    1 
ATOM   211 C C5    . G   A 1 10 ? 2.005   -5.421  -4.214  1.00 67.53  ?  10  G   A C5    1 
ATOM   212 C C6    . G   A 1 10 ? 0.979   -4.507  -4.568  1.00 71.43  ?  10  G   A C6    1 
ATOM   213 O O6    . G   A 1 10 ? 0.908   -3.298  -4.327  1.00 66.79  ?  10  G   A O6    1 
ATOM   214 N N1    . G   A 1 10 ? -0.036  -5.126  -5.285  1.00 74.22  ?  10  G   A N1    1 
ATOM   215 C C2    . G   A 1 10 ? -0.060  -6.452  -5.625  1.00 77.48  ?  10  G   A C2    1 
ATOM   216 N N2    . G   A 1 10 ? -1.135  -6.864  -6.307  1.00 80.31  ?  10  G   A N2    1 
ATOM   217 N N3    . G   A 1 10 ? 0.888   -7.316  -5.302  1.00 71.22  ?  10  G   A N3    1 
ATOM   218 C C4    . G   A 1 10 ? 1.885   -6.735  -4.605  1.00 65.57  ?  10  G   A C4    1 
ATOM   219 P P     . A   A 1 11 ? 6.805   -9.151  -7.412  1.00 73.56  ?  11  A   A P     1 
ATOM   220 O OP1   . A   A 1 11 ? 7.786   -10.137 -7.953  1.00 63.02  ?  11  A   A OP1   1 
ATOM   221 O OP2   . A   A 1 11 ? 7.196   -7.757  -7.094  1.00 70.33  -1 11  A   A OP2   1 
ATOM   222 O "O5'" . A   A 1 11 ? 5.567   -9.001  -8.394  1.00 70.14  ?  11  A   A "O5'" 1 
ATOM   223 C "C5'" . A   A 1 11 ? 4.858   -10.153 -8.843  1.00 69.26  ?  11  A   A "C5'" 1 
ATOM   224 C "C4'" . A   A 1 11 ? 3.612   -9.715  -9.566  1.00 74.31  ?  11  A   A "C4'" 1 
ATOM   225 O "O4'" . A   A 1 11 ? 2.679   -9.080  -8.645  1.00 77.17  ?  11  A   A "O4'" 1 
ATOM   226 C "C3'" . A   A 1 11 ? 3.797   -8.663  -10.652 1.00 73.51  ?  11  A   A "C3'" 1 
ATOM   227 O "O3'" . A   A 1 11 ? 4.353   -9.217  -11.834 1.00 79.00  ?  11  A   A "O3'" 1 
ATOM   228 C "C2'" . A   A 1 11 ? 2.373   -8.160  -10.799 1.00 75.86  ?  11  A   A "C2'" 1 
ATOM   229 O "O2'" . A   A 1 11 ? 1.571   -9.071  -11.537 1.00 65.99  ?  11  A   A "O2'" 1 
ATOM   230 C "C1'" . A   A 1 11 ? 1.965   -8.063  -9.327  1.00 72.07  ?  11  A   A "C1'" 1 
ATOM   231 N N9    . A   A 1 11 ? 2.262   -6.784  -8.681  1.00 74.19  ?  11  A   A N9    1 
ATOM   232 C C8    . A   A 1 11 ? 3.347   -6.457  -7.909  1.00 75.57  ?  11  A   A C8    1 
ATOM   233 N N7    . A   A 1 11 ? 3.315   -5.231  -7.443  1.00 78.89  ?  11  A   A N7    1 
ATOM   234 C C5    . A   A 1 11 ? 2.139   -4.710  -7.959  1.00 71.94  ?  11  A   A C5    1 
ATOM   235 C C6    . A   A 1 11 ? 1.522   -3.458  -7.824  1.00 70.76  ?  11  A   A C6    1 
ATOM   236 N N6    . A   A 1 11 ? 2.037   -2.450  -7.119  1.00 71.51  ?  11  A   A N6    1 
ATOM   237 N N1    . A   A 1 11 ? 0.346   -3.267  -8.454  1.00 70.57  ?  11  A   A N1    1 
ATOM   238 C C2    . A   A 1 11 ? -0.162  -4.268  -9.176  1.00 73.61  ?  11  A   A C2    1 
ATOM   239 N N3    . A   A 1 11 ? 0.325   -5.488  -9.381  1.00 78.31  ?  11  A   A N3    1 
ATOM   240 C C4    . A   A 1 11 ? 1.479   -5.656  -8.720  1.00 75.97  ?  11  A   A C4    1 
ATOM   241 P P     . G   A 1 12 ? 5.183   -8.301  -12.863 1.00 86.50  ?  12  G   A P     1 
ATOM   242 O OP1   . G   A 1 12 ? 5.682   -9.201  -13.925 1.00 81.26  ?  12  G   A OP1   1 
ATOM   243 O OP2   . G   A 1 12 ? 6.133   -7.432  -12.106 1.00 78.26  -1 12  G   A OP2   1 
ATOM   244 O "O5'" . G   A 1 12 ? 4.075   -7.313  -13.443 1.00 87.00  ?  12  G   A "O5'" 1 
ATOM   245 C "C5'" . G   A 1 12 ? 3.109   -7.759  -14.413 1.00 85.58  ?  12  G   A "C5'" 1 
ATOM   246 C "C4'" . G   A 1 12 ? 2.170   -6.634  -14.773 1.00 80.85  ?  12  G   A "C4'" 1 
ATOM   247 O "O4'" . G   A 1 12 ? 1.469   -6.187  -13.585 1.00 84.46  ?  12  G   A "O4'" 1 
ATOM   248 C "C3'" . G   A 1 12 ? 2.820   -5.362  -15.285 1.00 84.46  ?  12  G   A "C3'" 1 
ATOM   249 O "O3'" . G   A 1 12 ? 3.217   -5.495  -16.638 1.00 99.20  ?  12  G   A "O3'" 1 
ATOM   250 C "C2'" . G   A 1 12 ? 1.709   -4.358  -15.052 1.00 82.64  ?  12  G   A "C2'" 1 
ATOM   251 O "O2'" . G   A 1 12 ? 0.679   -4.408  -16.014 1.00 87.38  ?  12  G   A "O2'" 1 
ATOM   252 C "C1'" . G   A 1 12 ? 1.220   -4.795  -13.675 1.00 76.92  ?  12  G   A "C1'" 1 
ATOM   253 N N9    . G   A 1 12 ? 1.958   -4.120  -12.613 1.00 78.20  ?  12  G   A N9    1 
ATOM   254 C C8    . G   A 1 12 ? 3.114   -4.530  -11.989 1.00 75.59  ?  12  G   A C8    1 
ATOM   255 N N7    . G   A 1 12 ? 3.540   -3.684  -11.093 1.00 76.17  ?  12  G   A N7    1 
ATOM   256 C C5    . G   A 1 12 ? 2.628   -2.638  -11.148 1.00 73.70  ?  12  G   A C5    1 
ATOM   257 C C6    . G   A 1 12 ? 2.580   -1.419  -10.420 1.00 78.75  ?  12  G   A C6    1 
ATOM   258 O O6    . G   A 1 12 ? 3.361   -1.004  -9.555  1.00 68.47  ?  12  G   A O6    1 
ATOM   259 N N1    . G   A 1 12 ? 1.480   -0.648  -10.788 1.00 90.65  ?  12  G   A N1    1 
ATOM   260 C C2    . G   A 1 12 ? 0.556   -0.995  -11.744 1.00 81.21  ?  12  G   A C2    1 
ATOM   261 N N2    . G   A 1 12 ? -0.439  -0.121  -11.952 1.00 79.87  ?  12  G   A N2    1 
ATOM   262 N N3    . G   A 1 12 ? 0.599   -2.119  -12.440 1.00 79.23  ?  12  G   A N3    1 
ATOM   263 C C4    . G   A 1 12 ? 1.652   -2.889  -12.088 1.00 77.21  ?  12  G   A C4    1 
ATOM   264 P P     . C   A 1 13 ? 4.427   -4.628  -17.215 1.00 89.86  ?  13  C   A P     1 
ATOM   265 O OP1   . C   A 1 13 ? 4.664   -5.093  -18.599 1.00 88.33  ?  13  C   A OP1   1 
ATOM   266 O OP2   . C   A 1 13 ? 5.545   -4.683  -16.261 1.00 82.80  -1 13  C   A OP2   1 
ATOM   267 O "O5'" . C   A 1 13 ? 3.857   -3.140  -17.130 1.00 86.94  ?  13  C   A "O5'" 1 
ATOM   268 C "C5'" . C   A 1 13 ? 2.935   -2.634  -18.101 1.00 85.45  ?  13  C   A "C5'" 1 
ATOM   269 C "C4'" . C   A 1 13 ? 2.332   -1.319  -17.653 1.00 91.48  ?  13  C   A "C4'" 1 
ATOM   270 O "O4'" . C   A 1 13 ? 1.956   -1.406  -16.252 1.00 99.08  ?  13  C   A "O4'" 1 
ATOM   271 C "C3'" . C   A 1 13 ? 3.214   -0.077  -17.694 1.00 87.77  ?  13  C   A "C3'" 1 
ATOM   272 O "O3'" . C   A 1 13 ? 3.596   0.457   -18.968 1.00 86.46  ?  13  C   A "O3'" 1 
ATOM   273 C "C2'" . C   A 1 13 ? 2.443   0.854   -16.763 1.00 90.41  ?  13  C   A "C2'" 1 
ATOM   274 O "O2'" . C   A 1 13 ? 1.236   1.452   -17.170 1.00 79.68  ?  13  C   A "O2'" 1 
ATOM   275 C "C1'" . C   A 1 13 ? 2.053   -0.118  -15.652 1.00 94.76  ?  13  C   A "C1'" 1 
ATOM   276 N N1    . C   A 1 13 ? 3.059   -0.155  -14.567 1.00 83.65  ?  13  C   A N1    1 
ATOM   277 C C2    . C   A 1 13 ? 3.053   0.881   -13.629 1.00 76.61  ?  13  C   A C2    1 
ATOM   278 O O2    . C   A 1 13 ? 2.201   1.773   -13.727 1.00 75.00  ?  13  C   A O2    1 
ATOM   279 N N3    . C   A 1 13 ? 3.977   0.884   -12.641 1.00 79.96  ?  13  C   A N3    1 
ATOM   280 C C4    . C   A 1 13 ? 4.881   -0.097  -12.572 1.00 73.44  ?  13  C   A C4    1 
ATOM   281 N N4    . C   A 1 13 ? 5.764   -0.062  -11.576 1.00 70.71  ?  13  C   A N4    1 
ATOM   282 C C5    . C   A 1 13 ? 4.921   -1.155  -13.525 1.00 74.55  ?  13  C   A C5    1 
ATOM   283 C C6    . C   A 1 13 ? 4.011   -1.136  -14.508 1.00 76.77  ?  13  C   A C6    1 
ATOM   284 P P     . G   A 1 14 ? 5.178   0.754   -19.292 1.00 105.52 ?  14  G   A P     1 
ATOM   285 O OP1   . G   A 1 14 ? 5.334   0.930   -20.759 1.00 101.77 ?  14  G   A OP1   1 
ATOM   286 O OP2   . G   A 1 14 ? 6.017   -0.258  -18.603 1.00 96.22  -1 14  G   A OP2   1 
ATOM   287 O "O5'" . G   A 1 14 ? 5.426   2.165   -18.590 1.00 92.01  ?  14  G   A "O5'" 1 
ATOM   288 C "C5'" . G   A 1 14 ? 4.684   3.304   -19.045 1.00 97.69  ?  14  G   A "C5'" 1 
ATOM   289 C "C4'" . G   A 1 14 ? 4.627   4.383   -17.992 1.00 99.14  ?  14  G   A "C4'" 1 
ATOM   290 O "O4'" . G   A 1 14 ? 4.162   3.849   -16.721 1.00 106.14 ?  14  G   A "O4'" 1 
ATOM   291 C "C3'" . G   A 1 14 ? 5.925   5.081   -17.614 1.00 92.85  ?  14  G   A "C3'" 1 
ATOM   292 O "O3'" . G   A 1 14 ? 6.367   6.038   -18.574 1.00 90.16  ?  14  G   A "O3'" 1 
ATOM   293 C "C2'" . G   A 1 14 ? 5.486   5.766   -16.327 1.00 96.30  ?  14  G   A "C2'" 1 
ATOM   294 O "O2'" . G   A 1 14 ? 4.672   6.897   -16.525 1.00 76.26  ?  14  G   A "O2'" 1 
ATOM   295 C "C1'" . G   A 1 14 ? 4.685   4.643   -15.663 1.00 96.76  ?  14  G   A "C1'" 1 
ATOM   296 N N9    . G   A 1 14 ? 5.550   3.819   -14.821 1.00 84.72  ?  14  G   A N9    1 
ATOM   297 C C8    . G   A 1 14 ? 6.064   2.571   -15.084 1.00 78.84  ?  14  G   A C8    1 
ATOM   298 N N7    . G   A 1 14 ? 6.861   2.137   -14.147 1.00 69.76  ?  14  G   A N7    1 
ATOM   299 C C5    . G   A 1 14 ? 6.898   3.174   -13.221 1.00 80.47  ?  14  G   A C5    1 
ATOM   300 C C6    . G   A 1 14 ? 7.599   3.287   -11.986 1.00 80.28  ?  14  G   A C6    1 
ATOM   301 O O6    . G   A 1 14 ? 8.347   2.462   -11.440 1.00 71.91  ?  14  G   A O6    1 
ATOM   302 N N1    . G   A 1 14 ? 7.364   4.517   -11.377 1.00 82.14  ?  14  G   A N1    1 
ATOM   303 C C2    . G   A 1 14 ? 6.558   5.509   -11.885 1.00 82.86  ?  14  G   A C2    1 
ATOM   304 N N2    . G   A 1 14 ? 6.445   6.624   -11.142 1.00 73.57  ?  14  G   A N2    1 
ATOM   305 N N3    . G   A 1 14 ? 5.904   5.417   -13.031 1.00 81.49  ?  14  G   A N3    1 
ATOM   306 C C4    . G   A 1 14 ? 6.109   4.226   -13.635 1.00 81.88  ?  14  G   A C4    1 
ATOM   307 P P     . C   A 1 15 ? 7.942   6.207   -18.970 1.00 99.28  ?  15  C   A P     1 
ATOM   308 O OP1   . C   A 1 15 ? 7.989   7.030   -20.208 1.00 92.55  ?  15  C   A OP1   1 
ATOM   309 O OP2   . C   A 1 15 ? 8.630   4.876   -18.941 1.00 79.44  -1 15  C   A OP2   1 
ATOM   310 O "O5'" . C   A 1 15 ? 8.517   7.141   -17.813 1.00 85.66  ?  15  C   A "O5'" 1 
ATOM   311 C "C5'" . C   A 1 15 ? 7.872   8.386   -17.529 1.00 81.84  ?  15  C   A "C5'" 1 
ATOM   312 C "C4'" . C   A 1 15 ? 8.359   8.962   -16.226 1.00 89.94  ?  15  C   A "C4'" 1 
ATOM   313 O "O4'" . C   A 1 15 ? 7.844   8.211   -15.080 1.00 97.41  ?  15  C   A "O4'" 1 
ATOM   314 C "C3'" . C   A 1 15 ? 9.857   8.994   -15.969 1.00 85.79  ?  15  C   A "C3'" 1 
ATOM   315 O "O3'" . C   A 1 15 ? 10.540  9.936   -16.803 1.00 81.51  ?  15  C   A "O3'" 1 
ATOM   316 C "C2'" . C   A 1 15 ? 9.826   9.314   -14.479 1.00 92.80  ?  15  C   A "C2'" 1 
ATOM   317 O "O2'" . C   A 1 15 ? 9.260   10.563  -14.129 1.00 84.79  ?  15  C   A "O2'" 1 
ATOM   318 C "C1'" . C   A 1 15 ? 8.770   8.313   -14.001 1.00 95.04  ?  15  C   A "C1'" 1 
ATOM   319 N N1    . C   A 1 15 ? 9.355   6.981   -13.703 1.00 88.83  ?  15  C   A N1    1 
ATOM   320 C C2    . C   A 1 15 ? 10.059  6.817   -12.501 1.00 82.80  ?  15  C   A C2    1 
ATOM   321 O O2    . C   A 1 15 ? 10.106  7.761   -11.698 1.00 72.32  ?  15  C   A O2    1 
ATOM   322 N N3    . C   A 1 15 ? 10.635  5.625   -12.230 1.00 83.44  ?  15  C   A N3    1 
ATOM   323 C C4    . C   A 1 15 ? 10.540  4.622   -13.106 1.00 83.64  ?  15  C   A C4    1 
ATOM   324 N N4    . C   A 1 15 ? 11.126  3.462   -12.793 1.00 73.13  ?  15  C   A N4    1 
ATOM   325 C C5    . C   A 1 15 ? 9.858   4.770   -14.348 1.00 85.51  ?  15  C   A C5    1 
ATOM   326 C C6    . C   A 1 15 ? 9.290   5.956   -14.607 1.00 83.49  ?  15  C   A C6    1 
ATOM   327 P P     . G   A 1 16 ? 12.013  9.627   -17.451 1.00 94.63  ?  16  G   A P     1 
ATOM   328 O OP1   . G   A 1 16 ? 12.406  10.795  -18.286 1.00 96.55  ?  16  G   A OP1   1 
ATOM   329 O OP2   . G   A 1 16 ? 12.063  8.254   -17.979 1.00 76.42  -1 16  G   A OP2   1 
ATOM   330 O "O5'" . G   A 1 16 ? 13.021  9.618   -16.222 1.00 105.06 ?  16  G   A "O5'" 1 
ATOM   331 C "C5'" . G   A 1 16 ? 13.195  10.774  -15.383 1.00 99.77  ?  16  G   A "C5'" 1 
ATOM   332 C "C4'" . G   A 1 16 ? 14.052  10.404  -14.204 1.00 89.82  ?  16  G   A "C4'" 1 
ATOM   333 O "O4'" . G   A 1 16 ? 13.320  9.513   -13.314 1.00 86.86  ?  16  G   A "O4'" 1 
ATOM   334 C "C3'" . G   A 1 16 ? 15.309  9.623   -14.540 1.00 87.08  ?  16  G   A "C3'" 1 
ATOM   335 O "O3'" . G   A 1 16 ? 16.318  10.458  -15.111 1.00 92.67  ?  16  G   A "O3'" 1 
ATOM   336 C "C2'" . G   A 1 16 ? 15.634  9.013   -13.185 1.00 87.32  ?  16  G   A "C2'" 1 
ATOM   337 O "O2'" . G   A 1 16 ? 16.328  9.925   -12.356 1.00 97.24  ?  16  G   A "O2'" 1 
ATOM   338 C "C1'" . G   A 1 16 ? 14.229  8.612   -12.694 1.00 91.52  ?  16  G   A "C1'" 1 
ATOM   339 N N9    . G   A 1 16 ? 13.931  7.240   -13.108 1.00 76.49  ?  16  G   A N9    1 
ATOM   340 C C8    . G   A 1 16 ? 13.259  6.839   -14.235 1.00 80.99  ?  16  G   A C8    1 
ATOM   341 N N7    . G   A 1 16 ? 13.285  5.546   -14.414 1.00 78.97  ?  16  G   A N7    1 
ATOM   342 C C5    . G   A 1 16 ? 14.036  5.067   -13.351 1.00 74.93  ?  16  G   A C5    1 
ATOM   343 C C6    . G   A 1 16 ? 14.415  3.740   -13.016 1.00 73.32  ?  16  G   A C6    1 
ATOM   344 O O6    . G   A 1 16 ? 14.139  2.692   -13.599 1.00 77.70  ?  16  G   A O6    1 
ATOM   345 N N1    . G   A 1 16 ? 15.180  3.701   -11.857 1.00 73.43  ?  16  G   A N1    1 
ATOM   346 C C2    . G   A 1 16 ? 15.527  4.794   -11.108 1.00 73.59  ?  16  G   A C2    1 
ATOM   347 N N2    . G   A 1 16 ? 16.271  4.549   -10.023 1.00 80.24  ?  16  G   A N2    1 
ATOM   348 N N3    . G   A 1 16 ? 15.194  6.040   -11.416 1.00 73.08  ?  16  G   A N3    1 
ATOM   349 C C4    . G   A 1 16 ? 14.452  6.100   -12.542 1.00 70.52  ?  16  G   A C4    1 
ATOM   350 P P     . A   A 1 17 ? 17.203  9.940   -16.368 1.00 96.93  ?  17  A   A P     1 
ATOM   351 O OP1   . A   A 1 17 ? 18.199  10.997  -16.702 1.00 92.29  -1 17  A   A OP1   1 
ATOM   352 O OP2   . A   A 1 17 ? 16.287  9.410   -17.406 1.00 88.22  ?  17  A   A OP2   1 
ATOM   353 O "O5'" . A   A 1 17 ? 17.954  8.673   -15.776 1.00 97.64  ?  17  A   A "O5'" 1 
ATOM   354 C "C5'" . A   A 1 17 ? 18.558  7.702   -16.633 1.00 88.65  ?  17  A   A "C5'" 1 
ATOM   355 C "C4'" . A   A 1 17 ? 19.884  7.304   -16.039 1.00 86.40  ?  17  A   A "C4'" 1 
ATOM   356 O "O4'" . A   A 1 17 ? 20.659  8.511   -15.816 1.00 85.58  ?  17  A   A "O4'" 1 
ATOM   357 C "C3'" . A   A 1 17 ? 19.834  6.630   -14.673 1.00 79.05  ?  17  A   A "C3'" 1 
ATOM   358 O "O3'" . A   A 1 17 ? 19.639  5.220   -14.776 1.00 81.55  ?  17  A   A "O3'" 1 
ATOM   359 C "C2'" . A   A 1 17 ? 21.204  6.972   -14.105 1.00 78.05  ?  17  A   A "C2'" 1 
ATOM   360 O "O2'" . A   A 1 17 ? 22.186  6.070   -14.578 1.00 73.04  ?  17  A   A "O2'" 1 
ATOM   361 C "C1'" . A   A 1 17 ? 21.409  8.396   -14.623 1.00 70.45  ?  17  A   A "C1'" 1 
ATOM   362 N N9    . A   A 1 17 ? 20.977  9.465   -13.725 1.00 66.32  ?  17  A   A N9    1 
ATOM   363 C C8    . A   A 1 17 ? 19.986  10.396  -13.941 1.00 67.62  ?  17  A   A C8    1 
ATOM   364 N N7    . A   A 1 17 ? 19.843  11.255  -12.960 1.00 63.85  ?  17  A   A N7    1 
ATOM   365 C C5    . A   A 1 17 ? 20.826  10.887  -12.053 1.00 55.71  ?  17  A   A C5    1 
ATOM   366 C C6    . A   A 1 17 ? 21.189  11.403  -10.804 1.00 59.69  ?  17  A   A C6    1 
ATOM   367 N N6    . A   A 1 17 ? 20.580  12.446  -10.236 1.00 63.30  ?  17  A   A N6    1 
ATOM   368 N N1    . A   A 1 17 ? 22.195  10.793  -10.136 1.00 63.33  ?  17  A   A N1    1 
ATOM   369 C C2    . A   A 1 17 ? 22.790  9.733   -10.704 1.00 64.17  ?  17  A   A C2    1 
ATOM   370 N N3    . A   A 1 17 ? 22.529  9.147   -11.873 1.00 62.12  ?  17  A   A N3    1 
ATOM   371 C C4    . A   A 1 17 ? 21.533  9.788   -12.510 1.00 61.42  ?  17  A   A C4    1 
ATOM   372 P P     . A   A 1 18 ? 18.450  4.492   -13.939 1.00 88.21  ?  18  A   A P     1 
ATOM   373 O OP1   . A   A 1 18 ? 18.386  3.077   -14.386 1.00 86.91  ?  18  A   A OP1   1 
ATOM   374 O OP2   . A   A 1 18 ? 17.230  5.360   -13.971 1.00 68.57  -1 18  A   A OP2   1 
ATOM   375 O "O5'" . A   A 1 18 ? 19.037  4.422   -12.459 1.00 88.68  ?  18  A   A "O5'" 1 
ATOM   376 C "C5'" . A   A 1 18 ? 20.223  3.643   -12.174 1.00 87.15  ?  18  A   A "C5'" 1 
ATOM   377 C "C4'" . A   A 1 18 ? 20.903  4.185   -10.942 1.00 83.13  ?  18  A   A "C4'" 1 
ATOM   378 O "O4'" . A   A 1 18 ? 21.139  5.603   -11.125 1.00 82.11  ?  18  A   A "O4'" 1 
ATOM   379 C "C3'" . A   A 1 18 ? 20.088  4.113   -9.654  1.00 83.49  ?  18  A   A "C3'" 1 
ATOM   380 O "O3'" . A   A 1 18 ? 20.309  2.867   -9.027  1.00 76.55  ?  18  A   A "O3'" 1 
ATOM   381 C "C2'" . A   A 1 18 ? 20.727  5.208   -8.824  1.00 81.56  ?  18  A   A "C2'" 1 
ATOM   382 O "O2'" . A   A 1 18 ? 21.946  4.754   -8.267  1.00 77.80  ?  18  A   A "O2'" 1 
ATOM   383 C "C1'" . A   A 1 18 ? 20.993  6.271   -9.889  1.00 81.34  ?  18  A   A "C1'" 1 
ATOM   384 N N9    . A   A 1 18 ? 19.985  7.323   -10.034 1.00 71.86  ?  18  A   A N9    1 
ATOM   385 C C8    . A   A 1 18 ? 19.051  7.521   -11.020 1.00 71.25  ?  18  A   A C8    1 
ATOM   386 N N7    . A   A 1 18 ? 18.351  8.626   -10.873 1.00 69.28  ?  18  A   A N7    1 
ATOM   387 C C5    . A   A 1 18 ? 18.877  9.200   -9.725  1.00 63.98  ?  18  A   A C5    1 
ATOM   388 C C6    . A   A 1 18 ? 18.567  10.381  -9.033  1.00 60.39  ?  18  A   A C6    1 
ATOM   389 N N6    . A   A 1 18 ? 17.621  11.234  -9.416  1.00 59.50  ?  18  A   A N6    1 
ATOM   390 N N1    . A   A 1 18 ? 19.278  10.664  -7.919  1.00 64.20  ?  18  A   A N1    1 
ATOM   391 C C2    . A   A 1 18 ? 20.232  9.808   -7.533  1.00 66.93  ?  18  A   A C2    1 
ATOM   392 N N3    . A   A 1 18 ? 20.614  8.663   -8.098  1.00 64.93  ?  18  A   A N3    1 
ATOM   393 C C4    . A   A 1 18 ? 19.888  8.413   -9.201  1.00 68.00  ?  18  A   A C4    1 
ATOM   394 P P     . A   A 1 19 ? 19.170  2.181   -8.124  1.00 71.72  ?  19  A   A P     1 
ATOM   395 O OP1   . A   A 1 19 ? 19.666  0.837   -7.794  1.00 74.67  ?  19  A   A OP1   1 
ATOM   396 O OP2   . A   A 1 19 ? 17.851  2.364   -8.753  1.00 59.72  -1 19  A   A OP2   1 
ATOM   397 O "O5'" . A   A 1 19 ? 19.052  3.121   -6.834  1.00 78.70  ?  19  A   A "O5'" 1 
ATOM   398 C "C5'" . A   A 1 19 ? 19.931  3.009   -5.688  1.00 71.28  ?  19  A   A "C5'" 1 
ATOM   399 C "C4'" . A   A 1 19 ? 19.757  4.188   -4.753  1.00 73.37  ?  19  A   A "C4'" 1 
ATOM   400 O "O4'" . A   A 1 19 ? 19.946  5.449   -5.463  1.00 70.47  ?  19  A   A "O4'" 1 
ATOM   401 C "C3'" . A   A 1 19 ? 18.391  4.313   -4.092  1.00 73.29  ?  19  A   A "C3'" 1 
ATOM   402 O "O3'" . A   A 1 19 ? 18.330  3.436   -2.971  1.00 74.02  ?  19  A   A "O3'" 1 
ATOM   403 C "C2'" . A   A 1 19 ? 18.335  5.802   -3.755  1.00 73.46  ?  19  A   A "C2'" 1 
ATOM   404 O "O2'" . A   A 1 19 ? 18.982  6.213   -2.572  1.00 75.23  ?  19  A   A "O2'" 1 
ATOM   405 C "C1'" . A   A 1 19 ? 19.029  6.417   -4.973  1.00 72.48  ?  19  A   A "C1'" 1 
ATOM   406 N N9    . A   A 1 19 ? 18.099  6.763   -6.048  1.00 64.09  ?  19  A   A N9    1 
ATOM   407 C C8    . A   A 1 19 ? 17.681  5.933   -7.053  1.00 64.52  ?  19  A   A C8    1 
ATOM   408 N N7    . A   A 1 19 ? 16.850  6.496   -7.893  1.00 64.07  ?  19  A   A N7    1 
ATOM   409 C C5    . A   A 1 19 ? 16.696  7.780   -7.400  1.00 61.25  ?  19  A   A C5    1 
ATOM   410 C C6    . A   A 1 19 ? 15.948  8.876   -7.850  1.00 65.90  ?  19  A   A C6    1 
ATOM   411 N N6    . A   A 1 19 ? 15.170  8.834   -8.935  1.00 72.53  ?  19  A   A N6    1 
ATOM   412 N N1    . A   A 1 19 ? 16.017  10.026  -7.139  1.00 61.00  ?  19  A   A N1    1 
ATOM   413 C C2    . A   A 1 19 ? 16.816  10.062  -6.063  1.00 62.54  ?  19  A   A C2    1 
ATOM   414 N N3    . A   A 1 19 ? 17.591  9.101   -5.557  1.00 60.99  ?  19  A   A N3    1 
ATOM   415 C C4    . A   A 1 19 ? 17.472  7.967   -6.272  1.00 60.53  ?  19  A   A C4    1 
ATOM   416 P P     . G   A 1 20 ? 16.937  2.694   -2.557  1.00 75.74  ?  20  G   A P     1 
ATOM   417 O OP1   . G   A 1 20 ? 16.975  2.407   -1.106  1.00 71.09  ?  20  G   A OP1   1 
ATOM   418 O OP2   . G   A 1 20 ? 16.681  1.618   -3.545  1.00 74.75  -1 20  G   A OP2   1 
ATOM   419 O "O5'" . G   A 1 20 ? 15.786  3.732   -2.906  1.00 72.80  ?  20  G   A "O5'" 1 
ATOM   420 C "C5'" . G   A 1 20 ? 15.159  4.602   -1.961  1.00 63.34  ?  20  G   A "C5'" 1 
ATOM   421 C "C4'" . G   A 1 20 ? 14.518  5.772   -2.707  1.00 75.65  ?  20  G   A "C4'" 1 
ATOM   422 O "O4'" . G   A 1 20 ? 15.193  5.999   -3.987  1.00 71.30  ?  20  G   A "O4'" 1 
ATOM   423 C "C3'" . G   A 1 20 ? 13.043  5.674   -3.097  1.00 70.78  ?  20  G   A "C3'" 1 
ATOM   424 O "O3'" . G   A 1 20 ? 12.148  5.819   -1.992  1.00 70.83  ?  20  G   A "O3'" 1 
ATOM   425 C "C2'" . G   A 1 20 ? 12.951  6.765   -4.173  1.00 69.50  ?  20  G   A "C2'" 1 
ATOM   426 O "O2'" . G   A 1 20 ? 12.835  8.135   -3.822  1.00 65.25  ?  20  G   A "O2'" 1 
ATOM   427 C "C1'" . G   A 1 20 ? 14.275  6.549   -4.912  1.00 71.42  ?  20  G   A "C1'" 1 
ATOM   428 N N9    . G   A 1 20 ? 14.116  5.621   -6.023  1.00 73.83  ?  20  G   A N9    1 
ATOM   429 C C8    . G   A 1 20 ? 14.637  4.357   -6.171  1.00 70.30  ?  20  G   A C8    1 
ATOM   430 N N7    . G   A 1 20 ? 14.299  3.793   -7.301  1.00 70.36  ?  20  G   A N7    1 
ATOM   431 C C5    . G   A 1 20 ? 13.468  4.723   -7.912  1.00 73.75  ?  20  G   A C5    1 
ATOM   432 C C6    . G   A 1 20 ? 12.788  4.672   -9.152  1.00 75.94  ?  20  G   A C6    1 
ATOM   433 O O6    . G   A 1 20 ? 12.753  3.750   -9.975  1.00 78.22  ?  20  G   A O6    1 
ATOM   434 N N1    . G   A 1 20 ? 12.089  5.848   -9.403  1.00 80.15  ?  20  G   A N1    1 
ATOM   435 C C2    . G   A 1 20 ? 12.044  6.933   -8.564  1.00 75.18  ?  20  G   A C2    1 
ATOM   436 N N2    . G   A 1 20 ? 11.299  7.969   -8.970  1.00 82.36  ?  20  G   A N2    1 
ATOM   437 N N3    . G   A 1 20 ? 12.658  6.987   -7.396  1.00 80.11  ?  20  G   A N3    1 
ATOM   438 C C4    . G   A 1 20 ? 13.352  5.858   -7.139  1.00 77.87  ?  20  G   A C4    1 
ATOM   439 P P     . C   A 1 21 ? 10.590  5.358   -2.088  1.00 74.40  ?  21  C   A P     1 
ATOM   440 O OP1   . C   A 1 21 ? 9.882   5.812   -0.850  1.00 66.04  ?  21  C   A OP1   1 
ATOM   441 O OP2   . C   A 1 21 ? 10.552  3.935   -2.541  1.00 66.42  -1 21  C   A OP2   1 
ATOM   442 O "O5'" . C   A 1 21 ? 9.953   6.311   -3.193  1.00 74.28  ?  21  C   A "O5'" 1 
ATOM   443 C "C5'" . C   A 1 21 ? 9.504   7.637   -2.860  1.00 81.03  ?  21  C   A "C5'" 1 
ATOM   444 C "C4'" . C   A 1 21 ? 8.995   8.331   -4.100  1.00 80.20  ?  21  C   A "C4'" 1 
ATOM   445 O "O4'" . C   A 1 21 ? 9.837   8.004   -5.229  1.00 77.77  ?  21  C   A "O4'" 1 
ATOM   446 C "C3'" . C   A 1 21 ? 7.627   7.879   -4.564  1.00 77.75  ?  21  C   A "C3'" 1 
ATOM   447 O "O3'" . C   A 1 21 ? 6.597   8.470   -3.805  1.00 80.61  ?  21  C   A "O3'" 1 
ATOM   448 C "C2'" . C   A 1 21 ? 7.630   8.326   -6.007  1.00 75.42  ?  21  C   A "C2'" 1 
ATOM   449 O "O2'" . C   A 1 21 ? 7.394   9.704   -6.154  1.00 77.75  ?  21  C   A "O2'" 1 
ATOM   450 C "C1'" . C   A 1 21 ? 9.051   7.962   -6.404  1.00 71.63  ?  21  C   A "C1'" 1 
ATOM   451 N N1    . C   A 1 21 ? 9.176   6.629   -6.986  1.00 67.19  ?  21  C   A N1    1 
ATOM   452 C C2    . C   A 1 21 ? 8.666   6.409   -8.265  1.00 65.76  ?  21  C   A C2    1 
ATOM   453 O O2    . C   A 1 21 ? 8.052   7.326   -8.829  1.00 71.78  ?  21  C   A O2    1 
ATOM   454 N N3    . C   A 1 21 ? 8.814   5.191   -8.835  1.00 67.64  ?  21  C   A N3    1 
ATOM   455 C C4    . C   A 1 21 ? 9.455   4.221   -8.179  1.00 71.54  ?  21  C   A C4    1 
ATOM   456 N N4    . C   A 1 21 ? 9.588   3.039   -8.779  1.00 77.00  ?  21  C   A N4    1 
ATOM   457 C C5    . C   A 1 21 ? 10.022  4.433   -6.890  1.00 76.35  ?  21  C   A C5    1 
ATOM   458 C C6    . C   A 1 21 ? 9.855   5.638   -6.333  1.00 73.51  ?  21  C   A C6    1 
ATOM   459 P P     . G   A 1 22 ? 5.300   7.615   -3.506  1.00 85.16  ?  22  G   A P     1 
ATOM   460 O OP1   . G   A 1 22 ? 4.495   8.344   -2.489  1.00 77.59  ?  22  G   A OP1   1 
ATOM   461 O OP2   . G   A 1 22 ? 5.707   6.188   -3.303  1.00 69.09  -1 22  G   A OP2   1 
ATOM   462 O "O5'" . G   A 1 22 ? 4.500   7.783   -4.862  1.00 81.99  ?  22  G   A "O5'" 1 
ATOM   463 C "C5'" . G   A 1 22 ? 4.185   9.109   -5.290  1.00 84.45  ?  22  G   A "C5'" 1 
ATOM   464 C "C4'" . G   A 1 22 ? 3.584   9.060   -6.659  1.00 89.33  ?  22  G   A "C4'" 1 
ATOM   465 O "O4'" . G   A 1 22 ? 4.532   8.554   -7.636  1.00 81.74  ?  22  G   A "O4'" 1 
ATOM   466 C "C3'" . G   A 1 22 ? 2.398   8.123   -6.782  1.00 84.62  ?  22  G   A "C3'" 1 
ATOM   467 O "O3'" . G   A 1 22 ? 1.280   8.789   -6.230  1.00 82.57  ?  22  G   A "O3'" 1 
ATOM   468 C "C2'" . G   A 1 22 ? 2.347   7.908   -8.279  1.00 78.15  ?  22  G   A "C2'" 1 
ATOM   469 O "O2'" . G   A 1 22 ? 1.774   9.033   -8.916  1.00 74.62  ?  22  G   A "O2'" 1 
ATOM   470 C "C1'" . G   A 1 22 ? 3.832   7.779   -8.594  1.00 74.53  ?  22  G   A "C1'" 1 
ATOM   471 N N9    . G   A 1 22 ? 4.352   6.424   -8.542  1.00 76.27  ?  22  G   A N9    1 
ATOM   472 C C8    . G   A 1 22 ? 5.207   5.889   -7.609  1.00 76.52  ?  22  G   A C8    1 
ATOM   473 N N7    . G   A 1 22 ? 5.578   4.669   -7.894  1.00 80.94  ?  22  G   A N7    1 
ATOM   474 C C5    . G   A 1 22 ? 4.920   4.379   -9.081  1.00 70.71  ?  22  G   A C5    1 
ATOM   475 C C6    . G   A 1 22 ? 4.926   3.204   -9.866  1.00 70.23  ?  22  G   A C6    1 
ATOM   476 O O6    . G   A 1 22 ? 5.536   2.152   -9.668  1.00 71.41  ?  22  G   A O6    1 
ATOM   477 N N1    . G   A 1 22 ? 4.127   3.338   -10.997 1.00 79.18  ?  22  G   A N1    1 
ATOM   478 C C2    . G   A 1 22 ? 3.399   4.457   -11.320 1.00 83.38  ?  22  G   A C2    1 
ATOM   479 N N2    . G   A 1 22 ? 2.691   4.397   -12.456 1.00 95.05  ?  22  G   A N2    1 
ATOM   480 N N3    . G   A 1 22 ? 3.388   5.564   -10.596 1.00 83.52  ?  22  G   A N3    1 
ATOM   481 C C4    . G   A 1 22 ? 4.159   5.452   -9.494  1.00 81.55  ?  22  G   A C4    1 
ATOM   482 P P     . C   A 1 23 ? 0.091   7.938   -5.629  1.00 91.68  ?  23  C   A P     1 
ATOM   483 O OP1   . C   A 1 23 ? -0.893  8.901   -5.043  1.00 71.49  ?  23  C   A OP1   1 
ATOM   484 O OP2   . C   A 1 23 ? 0.675   6.864   -4.764  1.00 69.50  -1 23  C   A OP2   1 
ATOM   485 O "O5'" . C   A 1 23 ? -0.485  7.216   -6.935  1.00 88.34  ?  23  C   A "O5'" 1 
ATOM   486 C "C5'" . C   A 1 23 ? -1.357  7.897   -7.860  1.00 76.74  ?  23  C   A "C5'" 1 
ATOM   487 C "C4'" . C   A 1 23 ? -1.671  7.023   -9.052  1.00 81.60  ?  23  C   A "C4'" 1 
ATOM   488 O "O4'" . C   A 1 23 ? -0.444  6.510   -9.637  1.00 81.21  ?  23  C   A "O4'" 1 
ATOM   489 C "C3'" . C   A 1 23 ? -2.469  5.755   -8.790  1.00 81.28  ?  23  C   A "C3'" 1 
ATOM   490 O "O3'" . C   A 1 23 ? -3.870  5.911   -8.575  1.00 81.70  ?  23  C   A "O3'" 1 
ATOM   491 C "C2'" . C   A 1 23 ? -2.179  4.973   -10.057 1.00 76.00  ?  23  C   A "C2'" 1 
ATOM   492 O "O2'" . C   A 1 23 ? -2.840  5.572   -11.139 1.00 81.64  ?  23  C   A "O2'" 1 
ATOM   493 C "C1'" . C   A 1 23 ? -0.692  5.241   -10.227 1.00 77.38  ?  23  C   A "C1'" 1 
ATOM   494 N N1    . C   A 1 23 ? 0.172   4.235   -9.581  1.00 80.43  ?  23  C   A N1    1 
ATOM   495 C C2    . C   A 1 23 ? 0.451   3.048   -10.273 1.00 75.69  ?  23  C   A C2    1 
ATOM   496 O O2    . C   A 1 23 ? -0.057  2.870   -11.386 1.00 79.01  ?  23  C   A O2    1 
ATOM   497 N N3    . C   A 1 23 ? 1.262   2.126   -9.707  1.00 73.30  ?  23  C   A N3    1 
ATOM   498 C C4    . C   A 1 23 ? 1.800   2.359   -8.505  1.00 74.65  ?  23  C   A C4    1 
ATOM   499 N N4    . C   A 1 23 ? 2.600   1.426   -7.985  1.00 70.39  ?  23  C   A N4    1 
ATOM   500 C C5    . C   A 1 23 ? 1.510   3.544   -7.765  1.00 70.25  ?  23  C   A C5    1 
ATOM   501 C C6    . C   A 1 23 ? 0.699   4.447   -8.335  1.00 74.39  ?  23  C   A C6    1 
ATOM   502 P P     . U   A 1 24 ? -4.603  4.995   -7.474  1.00 95.60  ?  24  U   A P     1 
ATOM   503 O OP1   . U   A 1 24 ? -5.618  5.797   -6.748  1.00 73.95  ?  24  U   A OP1   1 
ATOM   504 O OP2   . U   A 1 24 ? -3.566  4.284   -6.691  1.00 102.36 -1 24  U   A OP2   1 
ATOM   505 O "O5'" . U   A 1 24 ? -5.357  3.873   -8.327  1.00 95.61  ?  24  U   A "O5'" 1 
ATOM   506 C "C5'" . U   A 1 24 ? -5.353  3.786   -9.764  1.00 83.12  ?  24  U   A "C5'" 1 
ATOM   507 C "C4'" . U   A 1 24 ? -5.407  2.340   -10.209 1.00 91.27  ?  24  U   A "C4'" 1 
ATOM   508 O "O4'" . U   A 1 24 ? -4.083  1.915   -10.617 1.00 90.25  ?  24  U   A "O4'" 1 
ATOM   509 C "C3'" . U   A 1 24 ? -5.839  1.287   -9.188  1.00 94.69  ?  24  U   A "C3'" 1 
ATOM   510 O "O3'" . U   A 1 24 ? -7.253  1.102   -9.056  1.00 84.88  ?  24  U   A "O3'" 1 
ATOM   511 C "C2'" . U   A 1 24 ? -5.246  0.020   -9.786  1.00 93.72  ?  24  U   A "C2'" 1 
ATOM   512 O "O2'" . U   A 1 24 ? -6.055  -0.527  -10.797 1.00 90.90  ?  24  U   A "O2'" 1 
ATOM   513 C "C1'" . U   A 1 24 ? -3.919  0.534   -10.347 1.00 89.53  ?  24  U   A "C1'" 1 
ATOM   514 N N1    . U   A 1 24 ? -2.806  0.366   -9.400  1.00 88.92  ?  24  U   A N1    1 
ATOM   515 C C2    . U   A 1 24 ? -2.088  -0.814  -9.459  1.00 87.34  ?  24  U   A C2    1 
ATOM   516 O O2    . U   A 1 24 ? -2.326  -1.695  -10.266 1.00 94.98  ?  24  U   A O2    1 
ATOM   517 N N3    . U   A 1 24 ? -1.066  -0.913  -8.550  1.00 92.36  ?  24  U   A N3    1 
ATOM   518 C C4    . U   A 1 24 ? -0.705  0.011   -7.590  1.00 89.05  ?  24  U   A C4    1 
ATOM   519 O O4    . U   A 1 24 ? 0.238   -0.239  -6.835  1.00 76.93  ?  24  U   A O4    1 
ATOM   520 C C5    . U   A 1 24 ? -1.511  1.194   -7.571  1.00 82.92  ?  24  U   A C5    1 
ATOM   521 C C6    . U   A 1 24 ? -2.515  1.325   -8.450  1.00 91.09  ?  24  U   A C6    1 
ATOM   522 P P     . C   A 1 25 ? -7.892  0.554   -7.678  1.00 90.73  ?  25  C   A P     1 
ATOM   523 O OP1   . C   A 1 25 ? -9.358  0.749   -7.742  1.00 97.82  ?  25  C   A OP1   1 
ATOM   524 O OP2   . C   A 1 25 ? -7.141  1.129   -6.537  1.00 79.42  -1 25  C   A OP2   1 
ATOM   525 O "O5'" . C   A 1 25 ? -7.626  -1.019  -7.747  1.00 95.32  ?  25  C   A "O5'" 1 
ATOM   526 C "C5'" . C   A 1 25 ? -8.161  -1.855  -8.788  1.00 93.17  ?  25  C   A "C5'" 1 
ATOM   527 C "C4'" . C   A 1 25 ? -7.501  -3.213  -8.744  1.00 94.48  ?  25  C   A "C4'" 1 
ATOM   528 O "O4'" . C   A 1 25 ? -6.080  -3.098  -9.056  1.00 89.49  ?  25  C   A "O4'" 1 
ATOM   529 C "C3'" . C   A 1 25 ? -7.509  -3.929  -7.396  1.00 94.91  ?  25  C   A "C3'" 1 
ATOM   530 O "O3'" . C   A 1 25 ? -8.726  -4.561  -7.027  1.00 79.09  ?  25  C   A "O3'" 1 
ATOM   531 C "C2'" . C   A 1 25 ? -6.405  -4.953  -7.612  1.00 99.29  ?  25  C   A "C2'" 1 
ATOM   532 O "O2'" . C   A 1 25 ? -6.779  -6.046  -8.425  1.00 97.77  ?  25  C   A "O2'" 1 
ATOM   533 C "C1'" . C   A 1 25 ? -5.366  -4.110  -8.353  1.00 95.49  ?  25  C   A "C1'" 1 
ATOM   534 N N1    . C   A 1 25 ? -4.404  -3.492  -7.417  1.00 89.12  ?  25  C   A N1    1 
ATOM   535 C C2    . C   A 1 25 ? -3.223  -4.182  -7.122  1.00 88.97  ?  25  C   A C2    1 
ATOM   536 O O2    . C   A 1 25 ? -2.994  -5.252  -7.701  1.00 80.39  ?  25  C   A O2    1 
ATOM   537 N N3    . C   A 1 25 ? -2.348  -3.648  -6.239  1.00 86.87  ?  25  C   A N3    1 
ATOM   538 C C4    . C   A 1 25 ? -2.622  -2.481  -5.653  1.00 76.01  ?  25  C   A C4    1 
ATOM   539 N N4    . C   A 1 25 ? -1.723  -1.981  -4.807  1.00 67.14  ?  25  C   A N4    1 
ATOM   540 C C5    . C   A 1 25 ? -3.825  -1.769  -5.919  1.00 78.03  ?  25  C   A C5    1 
ATOM   541 C C6    . C   A 1 25 ? -4.689  -2.316  -6.782  1.00 90.21  ?  25  C   A C6    1 
ATOM   542 O OP3   . G   B 2 1  ? -9.997  -10.590 -0.354  1.00 83.81  ?  1   G   B OP3   1 
ATOM   543 P P     . G   B 2 1  ? -9.234  -9.534  -1.119  1.00 129.67 ?  1   G   B P     1 
ATOM   544 O OP1   . G   B 2 1  ? -8.751  -10.260 -2.346  1.00 82.37  ?  1   G   B OP1   1 
ATOM   545 O OP2   . G   B 2 1  ? -10.008 -8.250  -1.289  1.00 93.39  -1 1   G   B OP2   1 
ATOM   546 O "O5'" . G   B 2 1  ? -8.043  -9.166  -0.109  1.00 114.46 ?  1   G   B "O5'" 1 
ATOM   547 C "C5'" . G   B 2 1  ? -6.912  -8.356  -0.491  1.00 88.96  ?  1   G   B "C5'" 1 
ATOM   548 C "C4'" . G   B 2 1  ? -5.643  -9.145  -0.298  1.00 78.71  ?  1   G   B "C4'" 1 
ATOM   549 O "O4'" . G   B 2 1  ? -4.562  -8.530  -1.054  1.00 78.51  ?  1   G   B "O4'" 1 
ATOM   550 C "C3'" . G   B 2 1  ? -5.165  -9.220  1.137   1.00 68.56  ?  1   G   B "C3'" 1 
ATOM   551 O "O3'" . G   B 2 1  ? -5.596  -10.436 1.691   1.00 66.12  ?  1   G   B "O3'" 1 
ATOM   552 C "C2'" . G   B 2 1  ? -3.657  -9.243  0.988   1.00 73.51  ?  1   G   B "C2'" 1 
ATOM   553 O "O2'" . G   B 2 1  ? -3.116  -10.523 0.762   1.00 83.11  ?  1   G   B "O2'" 1 
ATOM   554 C "C1'" . G   B 2 1  ? -3.458  -8.318  -0.208  1.00 76.55  ?  1   G   B "C1'" 1 
ATOM   555 N N9    . G   B 2 1  ? -3.379  -6.893  0.123   1.00 78.32  ?  1   G   B N9    1 
ATOM   556 C C8    . G   B 2 1  ? -4.259  -5.901  -0.235  1.00 77.30  ?  1   G   B C8    1 
ATOM   557 N N7    . G   B 2 1  ? -3.885  -4.717  0.163   1.00 70.86  ?  1   G   B N7    1 
ATOM   558 C C5    . G   B 2 1  ? -2.689  -4.938  0.828   1.00 75.16  ?  1   G   B C5    1 
ATOM   559 C C6    . G   B 2 1  ? -1.813  -4.027  1.474   1.00 79.03  ?  1   G   B C6    1 
ATOM   560 O O6    . G   B 2 1  ? -1.933  -2.804  1.611   1.00 66.92  ?  1   G   B O6    1 
ATOM   561 N N1    . G   B 2 1  ? -0.705  -4.674  2.012   1.00 78.78  ?  1   G   B N1    1 
ATOM   562 C C2    . G   B 2 1  ? -0.468  -6.023  1.935   1.00 71.60  ?  1   G   B C2    1 
ATOM   563 N N2    . G   B 2 1  ? 0.655   -6.457  2.518   1.00 72.55  ?  1   G   B N2    1 
ATOM   564 N N3    . G   B 2 1  ? -1.270  -6.881  1.327   1.00 74.73  ?  1   G   B N3    1 
ATOM   565 C C4    . G   B 2 1  ? -2.362  -6.276  0.811   1.00 78.21  ?  1   G   B C4    1 
ATOM   566 P P     . C   B 2 2  ? -6.438  -10.483 3.053   1.00 69.20  ?  2   C   B P     1 
ATOM   567 O OP1   . C   B 2 2  ? -7.150  -11.805 3.107   1.00 78.31  ?  2   C   B OP1   1 
ATOM   568 O OP2   . C   B 2 2  ? -7.185  -9.217  3.196   1.00 72.10  -1 2   C   B OP2   1 
ATOM   569 O "O5'" . C   B 2 2  ? -5.308  -10.596 4.164   1.00 66.92  ?  2   C   B "O5'" 1 
ATOM   570 C "C5'" . C   B 2 2  ? -4.438  -11.735 4.138   1.00 69.51  ?  2   C   B "C5'" 1 
ATOM   571 C "C4'" . C   B 2 2  ? -3.145  -11.427 4.827   1.00 64.96  ?  2   C   B "C4'" 1 
ATOM   572 O "O4'" . C   B 2 2  ? -2.369  -10.512 4.013   1.00 65.49  ?  2   C   B "O4'" 1 
ATOM   573 C "C3'" . C   B 2 2  ? -3.218  -10.743 6.180   1.00 62.88  ?  2   C   B "C3'" 1 
ATOM   574 O "O3'" . C   B 2 2  ? -3.384  -11.668 7.236   1.00 61.01  ?  2   C   B "O3'" 1 
ATOM   575 C "C2'" . C   B 2 2  ? -1.816  -10.165 6.274   1.00 68.65  ?  2   C   B "C2'" 1 
ATOM   576 O "O2'" . C   B 2 2  ? -0.854  -11.152 6.543   1.00 68.13  ?  2   C   B "O2'" 1 
ATOM   577 C "C1'" . C   B 2 2  ? -1.620  -9.654  4.853   1.00 64.26  ?  2   C   B "C1'" 1 
ATOM   578 N N1    . C   B 2 2  ? -2.132  -8.288  4.690   1.00 66.90  ?  2   C   B N1    1 
ATOM   579 C C2    . C   B 2 2  ? -1.321  -7.211  5.053   1.00 66.30  ?  2   C   B C2    1 
ATOM   580 O O2    . C   B 2 2  ? -0.192  -7.436  5.503   1.00 62.00  ?  2   C   B O2    1 
ATOM   581 N N3    . C   B 2 2  ? -1.793  -5.954  4.916   1.00 73.08  ?  2   C   B N3    1 
ATOM   582 C C4    . C   B 2 2  ? -3.019  -5.753  4.431   1.00 65.54  ?  2   C   B C4    1 
ATOM   583 N N4    . C   B 2 2  ? -3.445  -4.499  4.315   1.00 66.66  ?  2   C   B N4    1 
ATOM   584 C C5    . C   B 2 2  ? -3.867  -6.830  4.055   1.00 66.36  ?  2   C   B C5    1 
ATOM   585 C C6    . C   B 2 2  ? -3.398  -8.070  4.224   1.00 64.39  ?  2   C   B C6    1 
ATOM   586 P P     . A   B 2 3  ? -4.069  -11.232 8.599   1.00 68.71  ?  3   A   B P     1 
ATOM   587 O OP1   . A   B 2 3  ? -4.297  -12.458 9.417   1.00 72.60  ?  3   A   B OP1   1 
ATOM   588 O OP2   . A   B 2 3  ? -5.215  -10.348 8.271   1.00 62.64  -1 3   A   B OP2   1 
ATOM   589 O "O5'" . A   B 2 3  ? -2.959  -10.347 9.310   1.00 68.84  ?  3   A   B "O5'" 1 
ATOM   590 C "C5'" . A   B 2 3  ? -1.769  -10.921 9.832   1.00 73.68  ?  3   A   B "C5'" 1 
ATOM   591 C "C4'" . A   B 2 3  ? -0.930  -9.821  10.422  1.00 77.93  ?  3   A   B "C4'" 1 
ATOM   592 O "O4'" . A   B 2 3  ? -0.549  -8.872  9.388   1.00 77.98  ?  3   A   B "O4'" 1 
ATOM   593 C "C3'" . A   B 2 3  ? -1.645  -8.955  11.443  1.00 74.84  ?  3   A   B "C3'" 1 
ATOM   594 O "O3'" . A   B 2 3  ? -1.669  -9.574  12.705  1.00 74.95  ?  3   A   B "O3'" 1 
ATOM   595 C "C2'" . A   B 2 3  ? -0.790  -7.702  11.426  1.00 80.70  ?  3   A   B "C2'" 1 
ATOM   596 O "O2'" . A   B 2 3  ? 0.400   -7.815  12.164  1.00 84.08  ?  3   A   B "O2'" 1 
ATOM   597 C "C1'" . A   B 2 3  ? -0.507  -7.564  9.936   1.00 76.50  ?  3   A   B "C1'" 1 
ATOM   598 N N9    . A   B 2 3  ? -1.499  -6.735  9.248   1.00 76.80  ?  3   A   B N9    1 
ATOM   599 C C8    . A   B 2 3  ? -2.593  -7.124  8.518   1.00 75.11  ?  3   A   B C8    1 
ATOM   600 N N7    . A   B 2 3  ? -3.279  -6.125  8.019   1.00 67.88  ?  3   A   B N7    1 
ATOM   601 C C5    . A   B 2 3  ? -2.600  -5.001  8.464   1.00 66.12  ?  3   A   B C5    1 
ATOM   602 C C6    . A   B 2 3  ? -2.806  -3.630  8.254   1.00 66.93  ?  3   A   B C6    1 
ATOM   603 N N6    . A   B 2 3  ? -3.818  -3.135  7.545   1.00 58.87  ?  3   A   B N6    1 
ATOM   604 N N1    . A   B 2 3  ? -1.933  -2.768  8.823   1.00 72.09  ?  3   A   B N1    1 
ATOM   605 C C2    . A   B 2 3  ? -0.930  -3.264  9.555   1.00 63.65  ?  3   A   B C2    1 
ATOM   606 N N3    . A   B 2 3  ? -0.622  -4.534  9.807   1.00 68.94  ?  3   A   B N3    1 
ATOM   607 C C4    . A   B 2 3  ? -1.499  -5.361  9.217   1.00 70.93  ?  3   A   B C4    1 
ATOM   608 P P     . C   B 2 4  ? -2.828  -9.212  13.736  1.00 83.30  ?  4   C   B P     1 
ATOM   609 O OP1   . C   B 2 4  ? -2.589  -9.975  14.992  1.00 81.45  ?  4   C   B OP1   1 
ATOM   610 O OP2   . C   B 2 4  ? -4.125  -9.293  13.029  1.00 79.04  -1 4   C   B OP2   1 
ATOM   611 O "O5'" . C   B 2 4  ? -2.576  -7.672  14.044  1.00 79.79  ?  4   C   B "O5'" 1 
ATOM   612 C "C5'" . C   B 2 4  ? -1.753  -7.288  15.133  1.00 72.78  ?  4   C   B "C5'" 1 
ATOM   613 C "C4'" . C   B 2 4  ? -1.355  -5.848  15.005  1.00 76.63  ?  4   C   B "C4'" 1 
ATOM   614 O "O4'" . C   B 2 4  ? -1.157  -5.458  13.614  1.00 77.77  ?  4   C   B "O4'" 1 
ATOM   615 C "C3'" . C   B 2 4  ? -2.336  -4.824  15.537  1.00 72.59  ?  4   C   B "C3'" 1 
ATOM   616 O "O3'" . C   B 2 4  ? -2.225  -4.772  16.954  1.00 72.54  ?  4   C   B "O3'" 1 
ATOM   617 C "C2'" . C   B 2 4  ? -1.802  -3.569  14.866  1.00 76.67  ?  4   C   B "C2'" 1 
ATOM   618 O "O2'" . C   B 2 4  ? -0.597  -3.124  15.456  1.00 73.32  ?  4   C   B "O2'" 1 
ATOM   619 C "C1'" . C   B 2 4  ? -1.517  -4.097  13.458  1.00 75.16  ?  4   C   B "C1'" 1 
ATOM   620 N N1    . C   B 2 4  ? -2.693  -4.036  12.582  1.00 72.62  ?  4   C   B N1    1 
ATOM   621 C C2    . C   B 2 4  ? -3.028  -2.821  11.984  1.00 71.04  ?  4   C   B C2    1 
ATOM   622 O O2    . C   B 2 4  ? -2.317  -1.830  12.199  1.00 81.32  ?  4   C   B O2    1 
ATOM   623 N N3    . C   B 2 4  ? -4.112  -2.758  11.178  1.00 77.04  ?  4   C   B N3    1 
ATOM   624 C C4    . C   B 2 4  ? -4.840  -3.855  10.954  1.00 68.16  ?  4   C   B C4    1 
ATOM   625 N N4    . C   B 2 4  ? -5.898  -3.752  10.154  1.00 62.19  ?  4   C   B N4    1 
ATOM   626 C C5    . C   B 2 4  ? -4.527  -5.100  11.558  1.00 66.05  ?  4   C   B C5    1 
ATOM   627 C C6    . C   B 2 4  ? -3.465  -5.143  12.371  1.00 70.48  ?  4   C   B C6    1 
ATOM   628 P P     . C   B 2 5  ? -3.479  -4.350  17.864  1.00 78.24  ?  5   C   B P     1 
ATOM   629 O OP1   . C   B 2 5  ? -3.088  -4.546  19.282  1.00 75.67  ?  5   C   B OP1   1 
ATOM   630 O OP2   . C   B 2 5  ? -4.707  -5.012  17.343  1.00 68.91  -1 5   C   B OP2   1 
ATOM   631 O "O5'" . C   B 2 5  ? -3.620  -2.779  17.606  1.00 76.98  ?  5   C   B "O5'" 1 
ATOM   632 C "C5'" . C   B 2 5  ? -2.576  -1.855  17.973  1.00 72.09  ?  5   C   B "C5'" 1 
ATOM   633 C "C4'" . C   B 2 5  ? -2.957  -0.429  17.637  1.00 72.90  ?  5   C   B "C4'" 1 
ATOM   634 O "O4'" . C   B 2 5  ? -2.965  -0.215  16.194  1.00 76.37  ?  5   C   B "O4'" 1 
ATOM   635 C "C3'" . C   B 2 5  ? -4.346  -0.005  18.060  1.00 73.08  ?  5   C   B "C3'" 1 
ATOM   636 O "O3'" . C   B 2 5  ? -4.407  0.298   19.434  1.00 71.92  ?  5   C   B "O3'" 1 
ATOM   637 C "C2'" . C   B 2 5  ? -4.583  1.209   17.178  1.00 73.79  ?  5   C   B "C2'" 1 
ATOM   638 O "O2'" . C   B 2 5  ? -4.045  2.425   17.646  1.00 65.08  ?  5   C   B "O2'" 1 
ATOM   639 C "C1'" . C   B 2 5  ? -3.964  0.742   15.859  1.00 70.48  ?  5   C   B "C1'" 1 
ATOM   640 N N1    . C   B 2 5  ? -4.959  0.104   14.971  1.00 69.51  ?  5   C   B N1    1 
ATOM   641 C C2    . C   B 2 5  ? -5.804  0.911   14.203  1.00 63.65  ?  5   C   B C2    1 
ATOM   642 O O2    . C   B 2 5  ? -5.683  2.143   14.262  1.00 81.31  ?  5   C   B O2    1 
ATOM   643 N N3    . C   B 2 5  ? -6.716  0.329   13.398  1.00 66.02  ?  5   C   B N3    1 
ATOM   644 C C4    . C   B 2 5  ? -6.823  -1.001  13.360  1.00 61.02  ?  5   C   B C4    1 
ATOM   645 N N4    . C   B 2 5  ? -7.729  -1.528  12.546  1.00 59.79  ?  5   C   B N4    1 
ATOM   646 C C5    . C   B 2 5  ? -6.004  -1.845  14.155  1.00 65.85  ?  5   C   B C5    1 
ATOM   647 C C6    . C   B 2 5  ? -5.095  -1.257  14.944  1.00 75.67  ?  5   C   B C6    1 
ATOM   648 P P     . U   B 2 6  ? -5.755  0.003   20.232  1.00 75.29  ?  6   U   B P     1 
ATOM   649 O OP1   . U   B 2 6  ? -5.500  0.317   21.652  1.00 81.75  ?  6   U   B OP1   1 
ATOM   650 O OP2   . U   B 2 6  ? -6.218  -1.343  19.861  1.00 72.93  -1 6   U   B OP2   1 
ATOM   651 O "O5'" . U   B 2 6  ? -6.767  1.101   19.666  1.00 67.59  ?  6   U   B "O5'" 1 
ATOM   652 C "C5'" . U   B 2 6  ? -6.540  2.500   19.925  1.00 67.02  ?  6   U   B "C5'" 1 
ATOM   653 C "C4'" . U   B 2 6  ? -7.505  3.403   19.177  1.00 72.12  ?  6   U   B "C4'" 1 
ATOM   654 O "O4'" . U   B 2 6  ? -7.385  3.222   17.738  1.00 73.92  ?  6   U   B "O4'" 1 
ATOM   655 C "C3'" . U   B 2 6  ? -8.985  3.205   19.469  1.00 69.98  ?  6   U   B "C3'" 1 
ATOM   656 O "O3'" . U   B 2 6  ? -9.350  3.904   20.652  1.00 66.97  ?  6   U   B "O3'" 1 
ATOM   657 C "C2'" . U   B 2 6  ? -9.632  3.792   18.227  1.00 65.39  ?  6   U   B "C2'" 1 
ATOM   658 O "O2'" . U   B 2 6  ? -9.653  5.200   18.233  1.00 66.20  ?  6   U   B "O2'" 1 
ATOM   659 C "C1'" . U   B 2 6  ? -8.663  3.344   17.138  1.00 67.42  ?  6   U   B "C1'" 1 
ATOM   660 N N1    . U   B 2 6  ? -9.007  2.066   16.501  1.00 67.10  ?  6   U   B N1    1 
ATOM   661 C C2    . U   B 2 6  ? -9.992  2.079   15.540  1.00 62.86  ?  6   U   B C2    1 
ATOM   662 O O2    . U   B 2 6  ? -10.622 3.078   15.248  1.00 66.94  ?  6   U   B O2    1 
ATOM   663 N N3    . U   B 2 6  ? -10.227 0.869   14.945  1.00 66.96  ?  6   U   B N3    1 
ATOM   664 C C4    . U   B 2 6  ? -9.613  -0.332  15.221  1.00 66.50  ?  6   U   B C4    1 
ATOM   665 O O4    . U   B 2 6  ? -9.944  -1.339  14.601  1.00 75.67  ?  6   U   B O4    1 
ATOM   666 C C5    . U   B 2 6  ? -8.604  -0.263  16.224  1.00 69.41  ?  6   U   B C5    1 
ATOM   667 C C6    . U   B 2 6  ? -8.338  0.907   16.812  1.00 76.01  ?  6   U   B C6    1 
ATOM   668 P P     . C   B 2 7  ? -10.267 3.177   21.760  1.00 74.36  ?  7   C   B P     1 
ATOM   669 O OP1   . C   B 2 7  ? -10.251 4.007   23.003  1.00 65.98  ?  7   C   B OP1   1 
ATOM   670 O OP2   . C   B 2 7  ? -9.945  1.723   21.781  1.00 63.84  -1 7   C   B OP2   1 
ATOM   671 O "O5'" . C   B 2 7  ? -11.723 3.348   21.164  1.00 68.38  ?  7   C   B "O5'" 1 
ATOM   672 C "C5'" . C   B 2 7  ? -12.088 4.639   20.676  1.00 73.18  ?  7   C   B "C5'" 1 
ATOM   673 C "C4'" . C   B 2 7  ? -13.401 4.534   19.987  1.00 71.04  ?  7   C   B "C4'" 1 
ATOM   674 O "O4'" . C   B 2 7  ? -13.234 4.083   18.626  1.00 72.34  ?  7   C   B "O4'" 1 
ATOM   675 C "C3'" . C   B 2 7  ? -14.319 3.492   20.577  1.00 76.12  ?  7   C   B "C3'" 1 
ATOM   676 O "O3'" . C   B 2 7  ? -14.663 4.088   21.818  1.00 84.20  ?  7   C   B "O3'" 1 
ATOM   677 C "C2'" . C   B 2 7  ? -15.316 3.344   19.448  1.00 71.51  ?  7   C   B "C2'" 1 
ATOM   678 O "O2'" . C   B 2 7  ? -16.066 4.541   19.384  1.00 73.21  ?  7   C   B "O2'" 1 
ATOM   679 C "C1'" . C   B 2 7  ? -14.380 3.337   18.244  1.00 80.11  ?  7   C   B "C1'" 1 
ATOM   680 N N1    . C   B 2 7  ? -13.941 2.014   17.752  1.00 76.41  ?  7   C   B N1    1 
ATOM   681 C C2    . C   B 2 7  ? -14.632 1.435   16.682  1.00 72.62  ?  7   C   B C2    1 
ATOM   682 O O2    . C   B 2 7  ? -15.627 2.016   16.225  1.00 70.88  ?  7   C   B O2    1 
ATOM   683 N N3    . C   B 2 7  ? -14.204 0.254   16.181  1.00 71.37  ?  7   C   B N3    1 
ATOM   684 C C4    . C   B 2 7  ? -13.132 -0.346  16.708  1.00 67.31  ?  7   C   B C4    1 
ATOM   685 N N4    . C   B 2 7  ? -12.744 -1.511  16.180  1.00 59.87  ?  7   C   B N4    1 
ATOM   686 C C5    . C   B 2 7  ? -12.410 0.223   17.798  1.00 63.79  ?  7   C   B C5    1 
ATOM   687 C C6    . C   B 2 7  ? -12.834 1.401   18.272  1.00 68.70  ?  7   C   B C6    1 
ATOM   688 P P     . A   B 2 8  ? -15.801 3.487   22.712  1.00 79.87  ?  8   A   B P     1 
ATOM   689 O OP1   . A   B 2 8  ? -16.036 4.433   23.817  1.00 83.88  ?  8   A   B OP1   1 
ATOM   690 O OP2   . A   B 2 8  ? -15.451 2.053   23.001  1.00 63.61  -1 8   A   B OP2   1 
ATOM   691 O "O5'" . A   B 2 8  ? -17.039 3.756   21.761  1.00 90.04  ?  8   A   B "O5'" 1 
ATOM   692 C "C5'" . A   B 2 8  ? -18.381 3.644   22.178  1.00 87.72  ?  8   A   B "C5'" 1 
ATOM   693 C "C4'" . A   B 2 8  ? -19.116 2.817   21.165  1.00 84.08  ?  8   A   B "C4'" 1 
ATOM   694 O "O4'" . A   B 2 8  ? -18.198 2.300   20.171  1.00 81.14  ?  8   A   B "O4'" 1 
ATOM   695 C "C3'" . A   B 2 8  ? -19.828 1.617   21.780  1.00 85.30  ?  8   A   B "C3'" 1 
ATOM   696 O "O3'" . A   B 2 8  ? -21.211 1.911   21.652  1.00 81.83  ?  8   A   B "O3'" 1 
ATOM   697 C "C2'" . A   B 2 8  ? -19.334 0.404   20.981  1.00 88.30  ?  8   A   B "C2'" 1 
ATOM   698 O "O2'" . A   B 2 8  ? -20.398 -0.501  20.669  1.00 128.82 ?  8   A   B "O2'" 1 
ATOM   699 C "C1'" . A   B 2 8  ? -18.665 1.051   19.750  1.00 82.93  ?  8   A   B "C1'" 1 
ATOM   700 N N9    . A   B 2 8  ? -17.553 0.192   19.348  1.00 79.76  ?  8   A   B N9    1 
ATOM   701 C C8    . A   B 2 8  ? -16.553 -0.300  20.155  1.00 76.69  ?  8   A   B C8    1 
ATOM   702 N N7    . A   B 2 8  ? -15.805 -1.207  19.577  1.00 67.89  ?  8   A   B N7    1 
ATOM   703 C C5    . A   B 2 8  ? -16.394 -1.378  18.331  1.00 72.31  ?  8   A   B C5    1 
ATOM   704 C C6    . A   B 2 8  ? -16.077 -2.205  17.246  1.00 72.91  ?  8   A   B C6    1 
ATOM   705 N N6    . A   B 2 8  ? -15.041 -3.043  17.233  1.00 86.54  ?  8   A   B N6    1 
ATOM   706 N N1    . A   B 2 8  ? -16.849 -2.117  16.143  1.00 80.60  ?  8   A   B N1    1 
ATOM   707 C C2    . A   B 2 8  ? -17.885 -1.266  16.151  1.00 80.91  ?  8   A   B C2    1 
ATOM   708 N N3    . A   B 2 8  ? -18.289 -0.441  17.114  1.00 73.26  ?  8   A   B N3    1 
ATOM   709 C C4    . A   B 2 8  ? -17.486 -0.539  18.186  1.00 77.45  ?  8   A   B C4    1 
HETATM 710 O O1    . 8OS C 3 .  ? -1.684  -4.935  -2.420  1.00 65.84  ?  101 8OS A O1    1 
HETATM 711 C C1    . 8OS C 3 .  ? -1.703  -6.119  -2.714  1.00 70.41  ?  101 8OS A C1    1 
HETATM 712 N N1    . 8OS C 3 .  ? -0.637  -6.872  -2.290  1.00 73.44  ?  101 8OS A N1    1 
HETATM 713 C C2    . 8OS C 3 .  ? -0.592  -8.230  -2.598  1.00 69.75  ?  101 8OS A C2    1 
HETATM 714 N N2    . 8OS C 3 .  ? 0.432   -8.985  -2.209  1.00 69.72  ?  101 8OS A N2    1 
HETATM 715 N N3    . 8OS C 3 .  ? -1.589  -8.754  -3.296  1.00 64.88  ?  101 8OS A N3    1 
HETATM 716 C C3    . 8OS C 3 .  ? -2.627  -8.008  -3.681  1.00 71.07  ?  101 8OS A C3    1 
HETATM 717 C C4    . 8OS C 3 .  ? -2.705  -6.699  -3.406  1.00 74.82  ?  101 8OS A C4    1 
HETATM 718 N N4    . 8OS C 3 .  ? -3.844  -6.239  -3.952  1.00 69.08  ?  101 8OS A N4    1 
HETATM 719 C C5    . 8OS C 3 .  ? -4.437  -7.272  -4.540  1.00 67.42  ?  101 8OS A C5    1 
HETATM 720 N N5    . 8OS C 3 .  ? -3.688  -8.362  -4.384  1.00 69.16  ?  101 8OS A N5    1 
HETATM 721 C C6    . 8OS C 3 .  ? -3.875  -9.815  -4.793  1.00 68.57  ?  101 8OS A C6    1 
HETATM 722 O O2    . 8OS C 3 .  ? -4.887  -10.051 -5.801  1.00 66.72  ?  101 8OS A O2    1 
HETATM 723 C C7    . 8OS C 3 .  ? -4.386  -10.618 -3.557  1.00 66.01  ?  101 8OS A C7    1 
HETATM 724 O O3    . 8OS C 3 .  ? -4.211  -12.018 -3.666  1.00 62.96  ?  101 8OS A O3    1 
HETATM 725 C C8    . 8OS C 3 .  ? -5.824  -10.326 -3.652  1.00 69.37  ?  101 8OS A C8    1 
HETATM 726 O O4    . 8OS C 3 .  ? -6.550  -11.222 -2.846  1.00 68.49  ?  101 8OS A O4    1 
HETATM 727 C C9    . 8OS C 3 .  ? -6.025  -10.630 -5.128  1.00 69.50  ?  101 8OS A C9    1 
HETATM 728 C C10   . 8OS C 3 .  ? -7.291  -10.018 -5.717  1.00 78.36  ?  101 8OS A C10   1 
HETATM 729 O O5    . 8OS C 3 .  ? -7.912  -8.978  -4.935  1.00 77.55  ?  101 8OS A O5    1 
HETATM 730 P P1    . 8OS C 3 .  ? -9.138  -8.195  -5.679  1.00 83.43  ?  101 8OS A P1    1 
HETATM 731 O O6    . 8OS C 3 .  ? -8.848  -6.394  -5.338  1.00 74.48  ?  101 8OS A O6    1 
HETATM 732 O O7    . 8OS C 3 .  ? -8.909  -8.346  -7.374  1.00 77.41  ?  101 8OS A O7    1 
HETATM 733 C C11   . 8OS C 3 .  ? -10.959 -8.545  -5.186  1.00 94.22  ?  101 8OS A C11   1 
HETATM 734 N N6    . 8OS C 3 .  ? -11.403 -8.767  -3.955  1.00 99.73  ?  101 8OS A N6    1 
HETATM 735 C C12   . 8OS C 3 .  ? -12.666 -9.204  -4.045  1.00 83.58  ?  101 8OS A C12   1 
HETATM 736 N N7    . 8OS C 3 .  ? -13.014 -9.263  -5.317  1.00 88.73  ?  101 8OS A N7    1 
HETATM 737 C C13   . 8OS C 3 .  ? -11.931 -8.837  -6.049  1.00 91.18  ?  101 8OS A C13   1 
HETATM 738 C C14   . 8OS C 3 .  ? -11.865 -8.753  -7.565  1.00 88.45  ?  101 8OS A C14   1 
HETATM 739 O O     . HOH D 4 .  ? 3.497   2.396   13.382  1.00 50.50  ?  201 HOH A O     1 
HETATM 740 O O     . HOH D 4 .  ? -0.635  1.995   1.097   1.00 51.80  ?  202 HOH A O     1 
HETATM 741 O O     . HOH D 4 .  ? -12.385 10.987  9.704   1.00 49.11  ?  203 HOH A O     1 
HETATM 742 O O     . HOH D 4 .  ? -2.971  0.180   -14.475 1.00 50.88  ?  204 HOH A O     1 
HETATM 743 O O     . HOH D 4 .  ? 10.472  -0.133  -7.088  1.00 53.80  ?  205 HOH A O     1 
HETATM 744 O O     . HOH D 4 .  ? 0.305   6.648   -14.314 1.00 52.53  ?  206 HOH A O     1 
HETATM 745 O O     . HOH D 4 .  ? 10.544  11.642  -7.723  1.00 39.70  ?  207 HOH A O     1 
HETATM 746 O O     . HOH E 4 .  ? 0.676   -0.713  13.795  1.00 58.50  ?  101 HOH B O     1 
HETATM 747 O O     . HOH E 4 .  ? -6.853  -3.754  3.733   1.00 57.16  ?  102 HOH B O     1 
HETATM 748 O O     . HOH E 4 .  ? 2.986   -5.506  12.905  1.00 52.45  ?  103 HOH B O     1 
HETATM 749 O O     . HOH E 4 .  ? -8.056  -5.689  0.617   1.00 59.78  ?  104 HOH B O     1 
HETATM 750 O O     . HOH E 4 .  ? -8.918  -5.587  8.870   1.00 56.06  ?  105 HOH B O     1 
# 
loop_
_pdbx_poly_seq_scheme.asym_id 
_pdbx_poly_seq_scheme.entity_id 
_pdbx_poly_seq_scheme.seq_id 
_pdbx_poly_seq_scheme.mon_id 
_pdbx_poly_seq_scheme.ndb_seq_num 
_pdbx_poly_seq_scheme.pdb_seq_num 
_pdbx_poly_seq_scheme.auth_seq_num 
_pdbx_poly_seq_scheme.pdb_mon_id 
_pdbx_poly_seq_scheme.auth_mon_id 
_pdbx_poly_seq_scheme.pdb_strand_id 
_pdbx_poly_seq_scheme.pdb_ins_code 
_pdbx_poly_seq_scheme.hetero 
A 1 1  U   1  1  1  U   U   A . n 
A 1 2  G   2  2  2  G   G   A . n 
A 1 3  A   3  3  3  A   A   A . n 
A 1 4  G   4  4  4  G   G   A . n 
A 1 5  G   5  5  5  G   G   A . n 
A 1 6  U   6  6  6  U   U   A . n 
A 1 7  G   7  7  7  G   G   A . n 
A 1 8  LCC 8  8  8  LCC LCC A . n 
A 1 9  LCC 9  9  9  LCC LCC A . n 
A 1 10 G   10 10 10 G   G   A . n 
A 1 11 A   11 11 11 A   A   A . n 
A 1 12 G   12 12 12 G   G   A . n 
A 1 13 C   13 13 13 C   C   A . n 
A 1 14 G   14 14 14 G   G   A . n 
A 1 15 C   15 15 15 C   C   A . n 
A 1 16 G   16 16 16 G   G   A . n 
A 1 17 A   17 17 17 A   A   A . n 
A 1 18 A   18 18 18 A   A   A . n 
A 1 19 A   19 19 19 A   A   A . n 
A 1 20 G   20 20 20 G   G   A . n 
A 1 21 C   21 21 21 C   C   A . n 
A 1 22 G   22 22 22 G   G   A . n 
A 1 23 C   23 23 23 C   C   A . n 
A 1 24 U   24 24 24 U   U   A . n 
A 1 25 C   25 25 25 C   C   A . n 
B 2 1  G   1  1  1  G   G   B . n 
B 2 2  C   2  2  2  C   C   B . n 
B 2 3  A   3  3  3  A   A   B . n 
B 2 4  C   4  4  4  C   C   B . n 
B 2 5  C   5  5  5  C   C   B . n 
B 2 6  U   6  6  6  U   U   B . n 
B 2 7  C   7  7  7  C   C   B . n 
B 2 8  A   8  8  8  A   A   B . n 
# 
loop_
_pdbx_nonpoly_scheme.asym_id 
_pdbx_nonpoly_scheme.entity_id 
_pdbx_nonpoly_scheme.mon_id 
_pdbx_nonpoly_scheme.ndb_seq_num 
_pdbx_nonpoly_scheme.pdb_seq_num 
_pdbx_nonpoly_scheme.auth_seq_num 
_pdbx_nonpoly_scheme.pdb_mon_id 
_pdbx_nonpoly_scheme.auth_mon_id 
_pdbx_nonpoly_scheme.pdb_strand_id 
_pdbx_nonpoly_scheme.pdb_ins_code 
C 3 8OS 1 101 1  8OS rG  A . 
D 4 HOH 1 201 10 HOH HOH A . 
D 4 HOH 2 202 4  HOH HOH A . 
D 4 HOH 3 203 2  HOH HOH A . 
D 4 HOH 4 204 8  HOH HOH A . 
D 4 HOH 5 205 5  HOH HOH A . 
D 4 HOH 6 206 9  HOH HOH A . 
D 4 HOH 7 207 3  HOH HOH A . 
E 4 HOH 1 101 11 HOH HOH B . 
E 4 HOH 2 102 14 HOH HOH B . 
E 4 HOH 3 103 12 HOH HOH B . 
E 4 HOH 4 104 13 HOH HOH B . 
E 4 HOH 5 105 1  HOH HOH B . 
# 
_pdbx_struct_assembly.id                   1 
_pdbx_struct_assembly.details              author_and_software_defined_assembly 
_pdbx_struct_assembly.method_details       PISA 
_pdbx_struct_assembly.oligomeric_details   dimeric 
_pdbx_struct_assembly.oligomeric_count     2 
# 
_pdbx_struct_assembly_gen.assembly_id       1 
_pdbx_struct_assembly_gen.oper_expression   1 
_pdbx_struct_assembly_gen.asym_id_list      A,B,C,D,E 
# 
loop_
_pdbx_struct_assembly_prop.biol_id 
_pdbx_struct_assembly_prop.type 
_pdbx_struct_assembly_prop.value 
_pdbx_struct_assembly_prop.details 
1 'ABSA (A^2)' 1000 ? 
1 MORE         -2   ? 
1 'SSA (A^2)'  6440 ? 
# 
_pdbx_struct_oper_list.id                   1 
_pdbx_struct_oper_list.type                 'identity operation' 
_pdbx_struct_oper_list.name                 1_555 
_pdbx_struct_oper_list.symmetry_operation   x,y,z 
_pdbx_struct_oper_list.matrix[1][1]         1.0000000000 
_pdbx_struct_oper_list.matrix[1][2]         0.0000000000 
_pdbx_struct_oper_list.matrix[1][3]         0.0000000000 
_pdbx_struct_oper_list.vector[1]            0.0000000000 
_pdbx_struct_oper_list.matrix[2][1]         0.0000000000 
_pdbx_struct_oper_list.matrix[2][2]         1.0000000000 
_pdbx_struct_oper_list.matrix[2][3]         0.0000000000 
_pdbx_struct_oper_list.vector[2]            0.0000000000 
_pdbx_struct_oper_list.matrix[3][1]         0.0000000000 
_pdbx_struct_oper_list.matrix[3][2]         0.0000000000 
_pdbx_struct_oper_list.matrix[3][3]         1.0000000000 
_pdbx_struct_oper_list.vector[3]            0.0000000000 
# 
loop_
_pdbx_audit_revision_history.ordinal 
_pdbx_audit_revision_history.data_content_type 
_pdbx_audit_revision_history.major_revision 
_pdbx_audit_revision_history.minor_revision 
_pdbx_audit_revision_history.revision_date 
1 'Structure model' 1 0 2018-02-21 
2 'Structure model' 1 1 2018-03-14 
3 'Structure model' 1 2 2023-10-04 
# 
_pdbx_audit_revision_details.ordinal             1 
_pdbx_audit_revision_details.revision_ordinal    1 
_pdbx_audit_revision_details.data_content_type   'Structure model' 
_pdbx_audit_revision_details.provider            repository 
_pdbx_audit_revision_details.type                'Initial release' 
_pdbx_audit_revision_details.description         ? 
_pdbx_audit_revision_details.details             ? 
# 
loop_
_pdbx_audit_revision_group.ordinal 
_pdbx_audit_revision_group.revision_ordinal 
_pdbx_audit_revision_group.data_content_type 
_pdbx_audit_revision_group.group 
1 2 'Structure model' 'Database references'    
2 3 'Structure model' 'Data collection'        
3 3 'Structure model' 'Database references'    
4 3 'Structure model' 'Refinement description' 
# 
loop_
_pdbx_audit_revision_category.ordinal 
_pdbx_audit_revision_category.revision_ordinal 
_pdbx_audit_revision_category.data_content_type 
_pdbx_audit_revision_category.category 
1 2 'Structure model' citation                      
2 3 'Structure model' chem_comp_atom                
3 3 'Structure model' chem_comp_bond                
4 3 'Structure model' database_2                    
5 3 'Structure model' pdbx_initial_refinement_model 
# 
loop_
_pdbx_audit_revision_item.ordinal 
_pdbx_audit_revision_item.revision_ordinal 
_pdbx_audit_revision_item.data_content_type 
_pdbx_audit_revision_item.item 
1 2 'Structure model' '_citation.journal_volume'            
2 2 'Structure model' '_citation.page_first'                
3 2 'Structure model' '_citation.page_last'                 
4 2 'Structure model' '_citation.title'                     
5 3 'Structure model' '_database_2.pdbx_DOI'                
6 3 'Structure model' '_database_2.pdbx_database_accession' 
# 
loop_
_software.citation_id 
_software.classification 
_software.compiler_name 
_software.compiler_version 
_software.contact_author 
_software.contact_author_email 
_software.date 
_software.description 
_software.dependencies 
_software.hardware 
_software.language 
_software.location 
_software.mods 
_software.name 
_software.os 
_software.os_version 
_software.type 
_software.version 
_software.pdbx_ordinal 
? refinement       ? ? ? ? ? ? ? ? ? ? ? REFMAC   ? ? ? 5.8.0135 1 
? 'data reduction' ? ? ? ? ? ? ? ? ? ? ? HKL-2000 ? ? ? .        2 
? 'data scaling'   ? ? ? ? ? ? ? ? ? ? ? HKL-2000 ? ? ? .        3 
? phasing          ? ? ? ? ? ? ? ? ? ? ? PHASER   ? ? ? 3.1      4 
# 
_pdbx_validate_symm_contact.id                1 
_pdbx_validate_symm_contact.PDB_model_num     1 
_pdbx_validate_symm_contact.auth_atom_id_1    N3 
_pdbx_validate_symm_contact.auth_asym_id_1    A 
_pdbx_validate_symm_contact.auth_comp_id_1    A 
_pdbx_validate_symm_contact.auth_seq_id_1     11 
_pdbx_validate_symm_contact.PDB_ins_code_1    ? 
_pdbx_validate_symm_contact.label_alt_id_1    ? 
_pdbx_validate_symm_contact.site_symmetry_1   1_555 
_pdbx_validate_symm_contact.auth_atom_id_2    "O2'" 
_pdbx_validate_symm_contact.auth_asym_id_2    B 
_pdbx_validate_symm_contact.auth_comp_id_2    A 
_pdbx_validate_symm_contact.auth_seq_id_2     8 
_pdbx_validate_symm_contact.PDB_ins_code_2    ? 
_pdbx_validate_symm_contact.label_alt_id_2    ? 
_pdbx_validate_symm_contact.site_symmetry_2   5_446 
_pdbx_validate_symm_contact.dist              1.91 
# 
loop_
_pdbx_validate_rmsd_bond.id 
_pdbx_validate_rmsd_bond.PDB_model_num 
_pdbx_validate_rmsd_bond.auth_atom_id_1 
_pdbx_validate_rmsd_bond.auth_asym_id_1 
_pdbx_validate_rmsd_bond.auth_comp_id_1 
_pdbx_validate_rmsd_bond.auth_seq_id_1 
_pdbx_validate_rmsd_bond.PDB_ins_code_1 
_pdbx_validate_rmsd_bond.label_alt_id_1 
_pdbx_validate_rmsd_bond.auth_atom_id_2 
_pdbx_validate_rmsd_bond.auth_asym_id_2 
_pdbx_validate_rmsd_bond.auth_comp_id_2 
_pdbx_validate_rmsd_bond.auth_seq_id_2 
_pdbx_validate_rmsd_bond.PDB_ins_code_2 
_pdbx_validate_rmsd_bond.label_alt_id_2 
_pdbx_validate_rmsd_bond.bond_value 
_pdbx_validate_rmsd_bond.bond_target_value 
_pdbx_validate_rmsd_bond.bond_deviation 
_pdbx_validate_rmsd_bond.bond_standard_deviation 
_pdbx_validate_rmsd_bond.linker_flag 
1 1 "O3'" A LCC 8 ? ? P   A LCC 9 ? ? 1.680 1.607 0.073  0.012 Y 
2 1 P     B G   1 ? ? OP3 B G   1 ? ? 1.511 1.607 -0.096 0.012 N 
# 
loop_
_pdbx_validate_rmsd_angle.id 
_pdbx_validate_rmsd_angle.PDB_model_num 
_pdbx_validate_rmsd_angle.auth_atom_id_1 
_pdbx_validate_rmsd_angle.auth_asym_id_1 
_pdbx_validate_rmsd_angle.auth_comp_id_1 
_pdbx_validate_rmsd_angle.auth_seq_id_1 
_pdbx_validate_rmsd_angle.PDB_ins_code_1 
_pdbx_validate_rmsd_angle.label_alt_id_1 
_pdbx_validate_rmsd_angle.auth_atom_id_2 
_pdbx_validate_rmsd_angle.auth_asym_id_2 
_pdbx_validate_rmsd_angle.auth_comp_id_2 
_pdbx_validate_rmsd_angle.auth_seq_id_2 
_pdbx_validate_rmsd_angle.PDB_ins_code_2 
_pdbx_validate_rmsd_angle.label_alt_id_2 
_pdbx_validate_rmsd_angle.auth_atom_id_3 
_pdbx_validate_rmsd_angle.auth_asym_id_3 
_pdbx_validate_rmsd_angle.auth_comp_id_3 
_pdbx_validate_rmsd_angle.auth_seq_id_3 
_pdbx_validate_rmsd_angle.PDB_ins_code_3 
_pdbx_validate_rmsd_angle.label_alt_id_3 
_pdbx_validate_rmsd_angle.angle_value 
_pdbx_validate_rmsd_angle.angle_target_value 
_pdbx_validate_rmsd_angle.angle_deviation 
_pdbx_validate_rmsd_angle.angle_standard_deviation 
_pdbx_validate_rmsd_angle.linker_flag 
1 1 "O3'" A G   7 ? ? P     A LCC 8  ? ? "O5'" A LCC 8  ? ? 86.77  104.00 -17.23 1.90 Y 
2 1 "O3'" A LCC 8 ? ? P     A LCC 9  ? ? "O5'" A LCC 9  ? ? 129.47 104.00 25.47  1.90 Y 
3 1 "C3'" A LCC 9 ? ? "O3'" A LCC 9  ? ? P     A G   10 ? ? 144.59 119.70 24.89  1.20 Y 
4 1 "O3'" A LCC 9 ? ? P     A G   10 ? ? "O5'" A G   10 ? ? 116.61 104.00 12.61  1.90 Y 
# 
loop_
_chem_comp_atom.comp_id 
_chem_comp_atom.atom_id 
_chem_comp_atom.type_symbol 
_chem_comp_atom.pdbx_aromatic_flag 
_chem_comp_atom.pdbx_stereo_config 
_chem_comp_atom.pdbx_ordinal 
8OS O1     O N N 1   
8OS C1     C N N 2   
8OS N1     N N N 3   
8OS C2     C N N 4   
8OS N2     N N N 5   
8OS N3     N N N 6   
8OS C3     C Y N 7   
8OS C4     C Y N 8   
8OS N4     N Y N 9   
8OS C5     C Y N 10  
8OS N5     N Y N 11  
8OS C6     C N R 12  
8OS O2     O N N 13  
8OS C7     C N R 14  
8OS O3     O N N 15  
8OS C8     C N S 16  
8OS O4     O N N 17  
8OS C9     C N R 18  
8OS C10    C N N 19  
8OS O5     O N N 20  
8OS P1     P N N 21  
8OS O6     O N N 22  
8OS O7     O N N 23  
8OS C11    C Y N 24  
8OS N6     N Y N 25  
8OS C12    C Y N 26  
8OS N7     N Y N 27  
8OS C13    C Y N 28  
8OS C14    C N N 29  
8OS H1     H N N 30  
8OS H2     H N N 31  
8OS H3     H N N 32  
8OS H4     H N N 33  
8OS H5     H N N 34  
8OS H6     H N N 35  
8OS H7     H N N 36  
8OS H8     H N N 37  
8OS H9     H N N 38  
8OS H10    H N N 39  
8OS H11    H N N 40  
8OS H12    H N N 41  
8OS H13    H N N 42  
8OS H14    H N N 43  
8OS H15    H N N 44  
8OS H17    H N N 45  
8OS H18    H N N 46  
8OS H19    H N N 47  
A   OP3    O N N 48  
A   P      P N N 49  
A   OP1    O N N 50  
A   OP2    O N N 51  
A   "O5'"  O N N 52  
A   "C5'"  C N N 53  
A   "C4'"  C N R 54  
A   "O4'"  O N N 55  
A   "C3'"  C N S 56  
A   "O3'"  O N N 57  
A   "C2'"  C N R 58  
A   "O2'"  O N N 59  
A   "C1'"  C N R 60  
A   N9     N Y N 61  
A   C8     C Y N 62  
A   N7     N Y N 63  
A   C5     C Y N 64  
A   C6     C Y N 65  
A   N6     N N N 66  
A   N1     N Y N 67  
A   C2     C Y N 68  
A   N3     N Y N 69  
A   C4     C Y N 70  
A   HOP3   H N N 71  
A   HOP2   H N N 72  
A   "H5'"  H N N 73  
A   "H5''" H N N 74  
A   "H4'"  H N N 75  
A   "H3'"  H N N 76  
A   "HO3'" H N N 77  
A   "H2'"  H N N 78  
A   "HO2'" H N N 79  
A   "H1'"  H N N 80  
A   H8     H N N 81  
A   H61    H N N 82  
A   H62    H N N 83  
A   H2     H N N 84  
C   OP3    O N N 85  
C   P      P N N 86  
C   OP1    O N N 87  
C   OP2    O N N 88  
C   "O5'"  O N N 89  
C   "C5'"  C N N 90  
C   "C4'"  C N R 91  
C   "O4'"  O N N 92  
C   "C3'"  C N S 93  
C   "O3'"  O N N 94  
C   "C2'"  C N R 95  
C   "O2'"  O N N 96  
C   "C1'"  C N R 97  
C   N1     N N N 98  
C   C2     C N N 99  
C   O2     O N N 100 
C   N3     N N N 101 
C   C4     C N N 102 
C   N4     N N N 103 
C   C5     C N N 104 
C   C6     C N N 105 
C   HOP3   H N N 106 
C   HOP2   H N N 107 
C   "H5'"  H N N 108 
C   "H5''" H N N 109 
C   "H4'"  H N N 110 
C   "H3'"  H N N 111 
C   "HO3'" H N N 112 
C   "H2'"  H N N 113 
C   "HO2'" H N N 114 
C   "H1'"  H N N 115 
C   H41    H N N 116 
C   H42    H N N 117 
C   H5     H N N 118 
C   H6     H N N 119 
G   OP3    O N N 120 
G   P      P N N 121 
G   OP1    O N N 122 
G   OP2    O N N 123 
G   "O5'"  O N N 124 
G   "C5'"  C N N 125 
G   "C4'"  C N R 126 
G   "O4'"  O N N 127 
G   "C3'"  C N S 128 
G   "O3'"  O N N 129 
G   "C2'"  C N R 130 
G   "O2'"  O N N 131 
G   "C1'"  C N R 132 
G   N9     N Y N 133 
G   C8     C Y N 134 
G   N7     N Y N 135 
G   C5     C Y N 136 
G   C6     C N N 137 
G   O6     O N N 138 
G   N1     N N N 139 
G   C2     C N N 140 
G   N2     N N N 141 
G   N3     N N N 142 
G   C4     C Y N 143 
G   HOP3   H N N 144 
G   HOP2   H N N 145 
G   "H5'"  H N N 146 
G   "H5''" H N N 147 
G   "H4'"  H N N 148 
G   "H3'"  H N N 149 
G   "HO3'" H N N 150 
G   "H2'"  H N N 151 
G   "HO2'" H N N 152 
G   "H1'"  H N N 153 
G   H8     H N N 154 
G   H1     H N N 155 
G   H21    H N N 156 
G   H22    H N N 157 
HOH O      O N N 158 
HOH H1     H N N 159 
HOH H2     H N N 160 
LCC "O5'"  O N N 161 
LCC "C5'"  C N N 162 
LCC "C4'"  C N R 163 
LCC "O4'"  O N N 164 
LCC "C1'"  C N R 165 
LCC N1     N N N 166 
LCC C6     C N N 167 
LCC C5     C N N 168 
LCC C5M    C N N 169 
LCC C4     C N N 170 
LCC N4     N N N 171 
LCC N3     N N N 172 
LCC C2     C N N 173 
LCC O2     O N N 174 
LCC "C3'"  C N S 175 
LCC "C2'"  C N R 176 
LCC "O2'"  O N N 177 
LCC "O3'"  O N N 178 
LCC "C6'"  C N N 179 
LCC P      P N N 180 
LCC O1P    O N N 181 
LCC O2P    O N N 182 
LCC OXT    O N N 183 
LCC "H5'1" H N N 184 
LCC "H5'2" H N N 185 
LCC "H1'"  H N N 186 
LCC H6     H N N 187 
LCC H5M1   H N N 188 
LCC H5M2   H N N 189 
LCC H5M3   H N N 190 
LCC H41    H N N 191 
LCC H42    H N N 192 
LCC "H3'"  H N N 193 
LCC "H2'1" H N N 194 
LCC H3T    H N N 195 
LCC "H6'1" H N N 196 
LCC "H6'2" H N N 197 
LCC H1P    H N N 198 
LCC HXT    H N N 199 
U   OP3    O N N 200 
U   P      P N N 201 
U   OP1    O N N 202 
U   OP2    O N N 203 
U   "O5'"  O N N 204 
U   "C5'"  C N N 205 
U   "C4'"  C N R 206 
U   "O4'"  O N N 207 
U   "C3'"  C N S 208 
U   "O3'"  O N N 209 
U   "C2'"  C N R 210 
U   "O2'"  O N N 211 
U   "C1'"  C N R 212 
U   N1     N N N 213 
U   C2     C N N 214 
U   O2     O N N 215 
U   N3     N N N 216 
U   C4     C N N 217 
U   O4     O N N 218 
U   C5     C N N 219 
U   C6     C N N 220 
U   HOP3   H N N 221 
U   HOP2   H N N 222 
U   "H5'"  H N N 223 
U   "H5''" H N N 224 
U   "H4'"  H N N 225 
U   "H3'"  H N N 226 
U   "HO3'" H N N 227 
U   "H2'"  H N N 228 
U   "HO2'" H N N 229 
U   "H1'"  H N N 230 
U   H3     H N N 231 
U   H5     H N N 232 
U   H6     H N N 233 
# 
loop_
_chem_comp_bond.comp_id 
_chem_comp_bond.atom_id_1 
_chem_comp_bond.atom_id_2 
_chem_comp_bond.value_order 
_chem_comp_bond.pdbx_aromatic_flag 
_chem_comp_bond.pdbx_stereo_config 
_chem_comp_bond.pdbx_ordinal 
8OS C14   C13    sing N N 1   
8OS O7    P1     doub N N 2   
8OS C13   N7     sing Y N 3   
8OS C13   C11    doub Y N 4   
8OS C10   C9     sing N N 5   
8OS C10   O5     sing N N 6   
8OS N7    C12    doub Y N 7   
8OS O4    C8     sing N N 8   
8OS P1    C11    sing N N 9   
8OS P1    O5     sing N N 10  
8OS P1    O6     sing N N 11  
8OS C11   N6     sing Y N 12  
8OS C9    C8     sing N N 13  
8OS C9    O2     sing N N 14  
8OS C8    C7     sing N N 15  
8OS C12   N6     sing Y N 16  
8OS O2    C6     sing N N 17  
8OS O3    C7     sing N N 18  
8OS C7    C6     sing N N 19  
8OS C6    N5     sing N N 20  
8OS C5    N5     sing Y N 21  
8OS C5    N4     doub Y N 22  
8OS N5    C3     sing Y N 23  
8OS N4    C4     sing Y N 24  
8OS C3    N3     sing N N 25  
8OS C3    C4     doub Y N 26  
8OS N3    C2     doub N N 27  
8OS C4    C1     sing N N 28  
8OS C2    N2     sing N N 29  
8OS C2    N1     sing N N 30  
8OS C1    N1     sing N N 31  
8OS C1    O1     doub N N 32  
8OS N1    H1     sing N N 33  
8OS N2    H2     sing N N 34  
8OS N2    H3     sing N N 35  
8OS C5    H4     sing N N 36  
8OS C6    H5     sing N N 37  
8OS C7    H6     sing N N 38  
8OS O3    H7     sing N N 39  
8OS C8    H8     sing N N 40  
8OS O4    H9     sing N N 41  
8OS C9    H10    sing N N 42  
8OS C10   H11    sing N N 43  
8OS C10   H12    sing N N 44  
8OS O6    H13    sing N N 45  
8OS N6    H14    sing N N 46  
8OS C12   H15    sing N N 47  
8OS C14   H17    sing N N 48  
8OS C14   H18    sing N N 49  
8OS C14   H19    sing N N 50  
A   OP3   P      sing N N 51  
A   OP3   HOP3   sing N N 52  
A   P     OP1    doub N N 53  
A   P     OP2    sing N N 54  
A   P     "O5'"  sing N N 55  
A   OP2   HOP2   sing N N 56  
A   "O5'" "C5'"  sing N N 57  
A   "C5'" "C4'"  sing N N 58  
A   "C5'" "H5'"  sing N N 59  
A   "C5'" "H5''" sing N N 60  
A   "C4'" "O4'"  sing N N 61  
A   "C4'" "C3'"  sing N N 62  
A   "C4'" "H4'"  sing N N 63  
A   "O4'" "C1'"  sing N N 64  
A   "C3'" "O3'"  sing N N 65  
A   "C3'" "C2'"  sing N N 66  
A   "C3'" "H3'"  sing N N 67  
A   "O3'" "HO3'" sing N N 68  
A   "C2'" "O2'"  sing N N 69  
A   "C2'" "C1'"  sing N N 70  
A   "C2'" "H2'"  sing N N 71  
A   "O2'" "HO2'" sing N N 72  
A   "C1'" N9     sing N N 73  
A   "C1'" "H1'"  sing N N 74  
A   N9    C8     sing Y N 75  
A   N9    C4     sing Y N 76  
A   C8    N7     doub Y N 77  
A   C8    H8     sing N N 78  
A   N7    C5     sing Y N 79  
A   C5    C6     sing Y N 80  
A   C5    C4     doub Y N 81  
A   C6    N6     sing N N 82  
A   C6    N1     doub Y N 83  
A   N6    H61    sing N N 84  
A   N6    H62    sing N N 85  
A   N1    C2     sing Y N 86  
A   C2    N3     doub Y N 87  
A   C2    H2     sing N N 88  
A   N3    C4     sing Y N 89  
C   OP3   P      sing N N 90  
C   OP3   HOP3   sing N N 91  
C   P     OP1    doub N N 92  
C   P     OP2    sing N N 93  
C   P     "O5'"  sing N N 94  
C   OP2   HOP2   sing N N 95  
C   "O5'" "C5'"  sing N N 96  
C   "C5'" "C4'"  sing N N 97  
C   "C5'" "H5'"  sing N N 98  
C   "C5'" "H5''" sing N N 99  
C   "C4'" "O4'"  sing N N 100 
C   "C4'" "C3'"  sing N N 101 
C   "C4'" "H4'"  sing N N 102 
C   "O4'" "C1'"  sing N N 103 
C   "C3'" "O3'"  sing N N 104 
C   "C3'" "C2'"  sing N N 105 
C   "C3'" "H3'"  sing N N 106 
C   "O3'" "HO3'" sing N N 107 
C   "C2'" "O2'"  sing N N 108 
C   "C2'" "C1'"  sing N N 109 
C   "C2'" "H2'"  sing N N 110 
C   "O2'" "HO2'" sing N N 111 
C   "C1'" N1     sing N N 112 
C   "C1'" "H1'"  sing N N 113 
C   N1    C2     sing N N 114 
C   N1    C6     sing N N 115 
C   C2    O2     doub N N 116 
C   C2    N3     sing N N 117 
C   N3    C4     doub N N 118 
C   C4    N4     sing N N 119 
C   C4    C5     sing N N 120 
C   N4    H41    sing N N 121 
C   N4    H42    sing N N 122 
C   C5    C6     doub N N 123 
C   C5    H5     sing N N 124 
C   C6    H6     sing N N 125 
G   OP3   P      sing N N 126 
G   OP3   HOP3   sing N N 127 
G   P     OP1    doub N N 128 
G   P     OP2    sing N N 129 
G   P     "O5'"  sing N N 130 
G   OP2   HOP2   sing N N 131 
G   "O5'" "C5'"  sing N N 132 
G   "C5'" "C4'"  sing N N 133 
G   "C5'" "H5'"  sing N N 134 
G   "C5'" "H5''" sing N N 135 
G   "C4'" "O4'"  sing N N 136 
G   "C4'" "C3'"  sing N N 137 
G   "C4'" "H4'"  sing N N 138 
G   "O4'" "C1'"  sing N N 139 
G   "C3'" "O3'"  sing N N 140 
G   "C3'" "C2'"  sing N N 141 
G   "C3'" "H3'"  sing N N 142 
G   "O3'" "HO3'" sing N N 143 
G   "C2'" "O2'"  sing N N 144 
G   "C2'" "C1'"  sing N N 145 
G   "C2'" "H2'"  sing N N 146 
G   "O2'" "HO2'" sing N N 147 
G   "C1'" N9     sing N N 148 
G   "C1'" "H1'"  sing N N 149 
G   N9    C8     sing Y N 150 
G   N9    C4     sing Y N 151 
G   C8    N7     doub Y N 152 
G   C8    H8     sing N N 153 
G   N7    C5     sing Y N 154 
G   C5    C6     sing N N 155 
G   C5    C4     doub Y N 156 
G   C6    O6     doub N N 157 
G   C6    N1     sing N N 158 
G   N1    C2     sing N N 159 
G   N1    H1     sing N N 160 
G   C2    N2     sing N N 161 
G   C2    N3     doub N N 162 
G   N2    H21    sing N N 163 
G   N2    H22    sing N N 164 
G   N3    C4     sing N N 165 
HOH O     H1     sing N N 166 
HOH O     H2     sing N N 167 
LCC "O5'" "C5'"  sing N N 168 
LCC "O5'" P      sing N N 169 
LCC "C5'" "C4'"  sing N N 170 
LCC "C5'" "H5'1" sing N N 171 
LCC "C5'" "H5'2" sing N N 172 
LCC "C4'" "O4'"  sing N N 173 
LCC "C4'" "C3'"  sing N N 174 
LCC "C4'" "C6'"  sing N N 175 
LCC "O4'" "C1'"  sing N N 176 
LCC "C1'" N1     sing N N 177 
LCC "C1'" "C2'"  sing N N 178 
LCC "C1'" "H1'"  sing N N 179 
LCC N1    C6     sing N N 180 
LCC N1    C2     sing N N 181 
LCC C6    C5     doub N N 182 
LCC C6    H6     sing N N 183 
LCC C5    C5M    sing N N 184 
LCC C5    C4     sing N N 185 
LCC C5M   H5M1   sing N N 186 
LCC C5M   H5M2   sing N N 187 
LCC C5M   H5M3   sing N N 188 
LCC C4    N4     sing N N 189 
LCC C4    N3     doub N N 190 
LCC N4    H41    sing N N 191 
LCC N4    H42    sing N N 192 
LCC N3    C2     sing N N 193 
LCC C2    O2     doub N N 194 
LCC "C3'" "C2'"  sing N N 195 
LCC "C3'" "O3'"  sing N N 196 
LCC "C3'" "H3'"  sing N N 197 
LCC "C2'" "O2'"  sing N N 198 
LCC "C2'" "H2'1" sing N N 199 
LCC "O2'" "C6'"  sing N N 200 
LCC "O3'" H3T    sing N N 201 
LCC "C6'" "H6'1" sing N N 202 
LCC "C6'" "H6'2" sing N N 203 
LCC P     O1P    sing N N 204 
LCC P     O2P    doub N N 205 
LCC P     OXT    sing N N 206 
LCC O1P   H1P    sing N N 207 
LCC OXT   HXT    sing N N 208 
U   OP3   P      sing N N 209 
U   OP3   HOP3   sing N N 210 
U   P     OP1    doub N N 211 
U   P     OP2    sing N N 212 
U   P     "O5'"  sing N N 213 
U   OP2   HOP2   sing N N 214 
U   "O5'" "C5'"  sing N N 215 
U   "C5'" "C4'"  sing N N 216 
U   "C5'" "H5'"  sing N N 217 
U   "C5'" "H5''" sing N N 218 
U   "C4'" "O4'"  sing N N 219 
U   "C4'" "C3'"  sing N N 220 
U   "C4'" "H4'"  sing N N 221 
U   "O4'" "C1'"  sing N N 222 
U   "C3'" "O3'"  sing N N 223 
U   "C3'" "C2'"  sing N N 224 
U   "C3'" "H3'"  sing N N 225 
U   "O3'" "HO3'" sing N N 226 
U   "C2'" "O2'"  sing N N 227 
U   "C2'" "C1'"  sing N N 228 
U   "C2'" "H2'"  sing N N 229 
U   "O2'" "HO2'" sing N N 230 
U   "C1'" N1     sing N N 231 
U   "C1'" "H1'"  sing N N 232 
U   N1    C2     sing N N 233 
U   N1    C6     sing N N 234 
U   C2    O2     doub N N 235 
U   C2    N3     sing N N 236 
U   N3    C4     sing N N 237 
U   N3    H3     sing N N 238 
U   C4    O4     doub N N 239 
U   C4    C5     sing N N 240 
U   C5    C6     doub N N 241 
U   C5    H5     sing N N 242 
U   C6    H6     sing N N 243 
# 
loop_
_ndb_struct_conf_na.entry_id 
_ndb_struct_conf_na.feature 
5V9Z 'double helix'         
5V9Z 'a-form double helix'  
5V9Z tetraloop              
5V9Z 'mismatched base pair' 
# 
loop_
_ndb_struct_na_base_pair.model_number 
_ndb_struct_na_base_pair.i_label_asym_id 
_ndb_struct_na_base_pair.i_label_comp_id 
_ndb_struct_na_base_pair.i_label_seq_id 
_ndb_struct_na_base_pair.i_symmetry 
_ndb_struct_na_base_pair.j_label_asym_id 
_ndb_struct_na_base_pair.j_label_comp_id 
_ndb_struct_na_base_pair.j_label_seq_id 
_ndb_struct_na_base_pair.j_symmetry 
_ndb_struct_na_base_pair.shear 
_ndb_struct_na_base_pair.stretch 
_ndb_struct_na_base_pair.stagger 
_ndb_struct_na_base_pair.buckle 
_ndb_struct_na_base_pair.propeller 
_ndb_struct_na_base_pair.opening 
_ndb_struct_na_base_pair.pair_number 
_ndb_struct_na_base_pair.pair_name 
_ndb_struct_na_base_pair.i_auth_asym_id 
_ndb_struct_na_base_pair.i_auth_seq_id 
_ndb_struct_na_base_pair.i_PDB_ins_code 
_ndb_struct_na_base_pair.j_auth_asym_id 
_ndb_struct_na_base_pair.j_auth_seq_id 
_ndb_struct_na_base_pair.j_PDB_ins_code 
_ndb_struct_na_base_pair.hbond_type_28 
_ndb_struct_na_base_pair.hbond_type_12 
1 A G 2  1_555 B C 7  1_555 -0.152 -0.160 0.246  -4.880  2.052   -3.124  1  A_G2:C7_B   A 2  ? B 7  ? 19 1  
1 A A 3  1_555 B U 6  1_555 0.023  -0.172 -0.033 3.326   -12.184 2.064   2  A_A3:U6_B   A 3  ? B 6  ? 20 1  
1 A G 4  1_555 B C 5  1_555 -0.095 -0.138 -0.130 -4.141  -16.171 -1.246  3  A_G4:C5_B   A 4  ? B 5  ? 19 1  
1 A G 5  1_555 B C 4  1_555 -0.151 -0.015 -0.225 -13.093 -20.259 2.811   4  A_G5:C4_B   A 5  ? B 4  ? 19 1  
1 A U 6  1_555 B A 3  1_555 0.170  -0.079 0.198  -5.704  -10.662 0.833   5  A_U6:A3_B   A 6  ? B 3  ? 20 1  
1 A G 7  1_555 B C 2  1_555 -0.150 0.041  0.066  -12.236 -19.150 -1.380  6  A_G7:C2_B   A 7  ? B 2  ? 19 1  
1 A G 10 1_555 A C 25 1_555 0.031  -0.080 -0.134 -5.758  -16.376 1.399   7  A_G10:C25_A A 10 ? A 25 ? 19 1  
1 A A 11 1_555 A U 24 1_555 0.152  -0.192 -0.041 -0.181  -13.609 1.001   8  A_A11:U24_A A 11 ? A 24 ? 20 1  
1 A G 12 1_555 A C 23 1_555 -0.030 -0.046 -0.327 -2.443  -20.908 0.743   9  A_G12:C23_A A 12 ? A 23 ? 19 1  
1 A C 13 1_555 A G 22 1_555 0.283  -0.110 -0.229 3.773   -14.202 -0.727  10 A_C13:G22_A A 13 ? A 22 ? 19 1  
1 A G 14 1_555 A C 21 1_555 -0.040 -0.010 -0.269 -3.801  -7.090  0.232   11 A_G14:C21_A A 14 ? A 21 ? 19 1  
1 A C 15 1_555 A G 20 1_555 0.689  0.068  -0.105 3.166   4.189   1.995   12 A_C15:G20_A A 15 ? A 20 ? 19 1  
1 A G 16 1_555 A A 19 1_555 6.998  -5.015 0.667  11.913  2.430   -12.266 13 A_G16:A19_A A 16 ? A 19 ? 11 10 
# 
loop_
_ndb_struct_na_base_pair_step.model_number 
_ndb_struct_na_base_pair_step.i_label_asym_id_1 
_ndb_struct_na_base_pair_step.i_label_comp_id_1 
_ndb_struct_na_base_pair_step.i_label_seq_id_1 
_ndb_struct_na_base_pair_step.i_symmetry_1 
_ndb_struct_na_base_pair_step.j_label_asym_id_1 
_ndb_struct_na_base_pair_step.j_label_comp_id_1 
_ndb_struct_na_base_pair_step.j_label_seq_id_1 
_ndb_struct_na_base_pair_step.j_symmetry_1 
_ndb_struct_na_base_pair_step.i_label_asym_id_2 
_ndb_struct_na_base_pair_step.i_label_comp_id_2 
_ndb_struct_na_base_pair_step.i_label_seq_id_2 
_ndb_struct_na_base_pair_step.i_symmetry_2 
_ndb_struct_na_base_pair_step.j_label_asym_id_2 
_ndb_struct_na_base_pair_step.j_label_comp_id_2 
_ndb_struct_na_base_pair_step.j_label_seq_id_2 
_ndb_struct_na_base_pair_step.j_symmetry_2 
_ndb_struct_na_base_pair_step.shift 
_ndb_struct_na_base_pair_step.slide 
_ndb_struct_na_base_pair_step.rise 
_ndb_struct_na_base_pair_step.tilt 
_ndb_struct_na_base_pair_step.roll 
_ndb_struct_na_base_pair_step.twist 
_ndb_struct_na_base_pair_step.x_displacement 
_ndb_struct_na_base_pair_step.y_displacement 
_ndb_struct_na_base_pair_step.helical_rise 
_ndb_struct_na_base_pair_step.inclination 
_ndb_struct_na_base_pair_step.tip 
_ndb_struct_na_base_pair_step.helical_twist 
_ndb_struct_na_base_pair_step.step_number 
_ndb_struct_na_base_pair_step.step_name 
_ndb_struct_na_base_pair_step.i_auth_asym_id_1 
_ndb_struct_na_base_pair_step.i_auth_seq_id_1 
_ndb_struct_na_base_pair_step.i_PDB_ins_code_1 
_ndb_struct_na_base_pair_step.j_auth_asym_id_1 
_ndb_struct_na_base_pair_step.j_auth_seq_id_1 
_ndb_struct_na_base_pair_step.j_PDB_ins_code_1 
_ndb_struct_na_base_pair_step.i_auth_asym_id_2 
_ndb_struct_na_base_pair_step.i_auth_seq_id_2 
_ndb_struct_na_base_pair_step.i_PDB_ins_code_2 
_ndb_struct_na_base_pair_step.j_auth_asym_id_2 
_ndb_struct_na_base_pair_step.j_auth_seq_id_2 
_ndb_struct_na_base_pair_step.j_PDB_ins_code_2 
1 A G 2  1_555 B C 7  1_555 A A 3  1_555 B U 6  1_555 0.393  -1.408 3.213 0.815  9.910  31.020 -4.106 -0.571 2.659 17.960 -1.478 
32.538 1  AA_G2A3:U6C7_BB     A 2  ? B 7  ? A 3  ? B 6  ? 
1 A A 3  1_555 B U 6  1_555 A G 4  1_555 B C 5  1_555 -0.359 -1.460 3.429 0.505  11.952 32.923 -4.186 0.671  2.743 20.274 -0.857 
34.972 2  AA_A3G4:C5U6_BB     A 3  ? B 6  ? A 4  ? B 5  ? 
1 A G 4  1_555 B C 5  1_555 A G 5  1_555 B C 4  1_555 1.007  -2.222 3.513 3.772  8.000  29.470 -5.770 -1.156 2.926 15.297 -7.214 
30.740 3  AA_G4G5:C4C5_BB     A 4  ? B 5  ? A 5  ? B 4  ? 
1 A G 5  1_555 B C 4  1_555 A U 6  1_555 B A 3  1_555 -0.601 -1.413 3.077 -3.992 0.118  34.291 -2.399 0.425  3.120 0.199  6.742  
34.516 4  AA_G5U6:A3C4_BB     A 5  ? B 4  ? A 6  ? B 3  ? 
1 A U 6  1_555 B A 3  1_555 A G 7  1_555 B C 2  1_555 0.037  -1.680 3.309 1.325  7.077  30.952 -4.312 0.164  2.863 13.040 -2.441 
31.758 5  AA_U6G7:C2A3_BB     A 6  ? B 3  ? A 7  ? B 2  ? 
1 A G 10 1_555 A C 25 1_555 A A 11 1_555 A U 24 1_555 -0.294 -1.018 3.213 -3.835 5.937  31.420 -2.855 -0.127 2.989 10.793 6.972  
32.185 6  AA_G10A11:U24C25_AA A 10 ? A 25 ? A 11 ? A 24 ? 
1 A A 11 1_555 A U 24 1_555 A G 12 1_555 A C 23 1_555 -0.080 -1.300 3.380 2.309  12.094 31.661 -4.101 0.494  2.704 21.191 -4.046 
33.913 7  AA_A11G12:C23U24_AA A 11 ? A 24 ? A 12 ? A 23 ? 
1 A G 12 1_555 A C 23 1_555 A C 13 1_555 A G 22 1_555 0.472  -1.381 3.203 0.468  1.609  31.484 -2.832 -0.784 3.136 2.963  -0.861 
31.527 8  AA_G12C13:G22C23_AA A 12 ? A 23 ? A 13 ? A 22 ? 
1 A C 13 1_555 A G 22 1_555 A G 14 1_555 A C 21 1_555 0.793  -1.963 3.412 3.560  9.949  28.078 -5.766 -0.829 2.655 19.648 -7.029 
29.963 9  AA_C13G14:C21G22_AA A 13 ? A 22 ? A 14 ? A 21 ? 
1 A G 14 1_555 A C 21 1_555 A C 15 1_555 A G 20 1_555 0.362  -2.258 3.223 0.249  -0.138 31.914 -4.081 -0.614 3.235 -0.251 -0.454 
31.916 10 AA_G14C15:G20C21_AA A 14 ? A 21 ? A 15 ? A 20 ? 
1 A C 15 1_555 A G 20 1_555 A G 16 1_555 A A 19 1_555 -1.843 -1.274 3.005 0.572  11.065 49.627 -2.167 2.185  2.663 12.996 -0.672 
50.772 11 AA_C15G16:A19G20_AA A 15 ? A 20 ? A 16 ? A 19 ? 
# 
loop_
_pdbx_entity_nonpoly.entity_id 
_pdbx_entity_nonpoly.name 
_pdbx_entity_nonpoly.comp_id 
3 "5'-O-[(S)-hydroxy(4-methyl-1H-imidazol-5-yl)phosphoryl]guanosine" 8OS 
4 water                                                              HOH 
# 
_pdbx_initial_refinement_model.id               1 
_pdbx_initial_refinement_model.entity_id_list   ? 
_pdbx_initial_refinement_model.type             'experimental model' 
_pdbx_initial_refinement_model.source_name      PDB 
_pdbx_initial_refinement_model.accession_code   4FNJ 
_pdbx_initial_refinement_model.details          ? 
# 
_pdbx_struct_assembly_auth_evidence.id                     1 
_pdbx_struct_assembly_auth_evidence.assembly_id            1 
_pdbx_struct_assembly_auth_evidence.experimental_support   none 
_pdbx_struct_assembly_auth_evidence.details                ? 
# 
